data_9HM5
#
_entry.id   9HM5
#
loop_
_entity.id
_entity.type
_entity.pdbx_description
1 polymer Ba1Cas12a3
2 polymer crRNA
3 polymer 'target RNA'
4 polymer "Cleaved 3' tRNA fragment"
5 non-polymer 'MAGNESIUM ION'
#
loop_
_entity_poly.entity_id
_entity_poly.type
_entity_poly.pdbx_seq_one_letter_code
_entity_poly.pdbx_strand_id
1 'polypeptide(L)'
;METYKVTKTIRFKLEAQNVPEIQKDIEGLQSEFNLANFVSDLKNYLDQVRNYLFSEGKEHVFVNNKITIKREWLQNHAKQ
EWVDFLEKNKRNNSLNNHTRRIQMSIGDFTGLASKIEGTFDEINSICKGLADAAGAQANKRTKRERTGLLLKRLQARKAL
PSLFSLIENSADKNETGNLSLQLKNKSILIEQQLAAGVQTFLPAQSGGLPVAKASFNYYTINKKPVDFGNEKSELESRLK
ISIDTIFKLTRENFSKKIEEAITADIQKELNNGKTLLLGDVPMLGIENYVSLRQILKNIKSNQKKAFSDLMQSGKNYNEL
KATNLYLLNTIEQRQFDNYKVKTNELEKLAVKINQATNDNQKKELISNKQRVAKQRGIIMRDNFATWKSFSNFYRTISQE
HGKILALLKGIEKERTESQLLKYWALILENNGQHKLILIPREKAASCKQWIASLNPSGDKLTKLFWFESLTYRSLQKLCF
GFTENGNNKFNKNIQNLLPKDNSRKIINGEFAFQGDEQKKIKFYQSVLESKYAQSVLNIPIQQVQADIINQSFASLDDFQ
IALEKICYRLFAVVEANIEAELLKNDKAQIFNITSSDLRKEAKDKIKSHTQIWKAFWTSENKQNNFETRLNPEITITYRQ
PKQSKIDKYGERSQKNNRYLHAQYTLITTISEHSNSPTKILSFMSDDEFKSSVDTFNKKFKKDEIKFAFGIDNGEVELST
LGVYFPAFDKTTYKEKVAELEKVNDYGFEVLTIRNLNYKETDYNGKERKIIQNPSYFLKKENYLRTFNKSETAYQKMFTE
QFEKKKLLTLDLTTAKVICGHIVTNGDVPALFNLWLKHAQRNIFEMNDHIQKETAKKIVLKNQLDTDNEKLKFAEYISKE
KEFGKLNDDEKMKYTKWIFEDRDQNNFTEVENKKFKRCQKIYGNYSTKAKAPVLFASCFIDEELQSVTDIFDVRHIFKKR
EDFYALKTEEEIKQLIDSYNTNRASHDISNEELDLKILNTKKALVANAVGVIDFLYKHYERRLGGEGLIIKEGFGTGKVE
DGIEKFSGNIYRILERKLYQKFQNYGLVPPIKSLMAVRANGIENNKNAILQLGNVGFIDPAGTSQECPVCIEGRLEHTTT
CPNKCGFNSERIMHSNDGIASFNIAKRGFNNFVKSKTDKQLEHHHHHH
;
A
2 'polyribonucleotide' GUCUAAACCGACCCAAUAAUUUCUACUGUUGUAGAUGAGGGAUCUCGCUCCUGGAAGAUGGUGAU B
3 'polyribonucleotide' AAUCCCAUCACCAUCUUCCAGGAGCGAGAUCCCUCCAAAAUC C
4 'polyribonucleotide' GGGGCUAUAGCUCAGCUGGGAGAGCGCCUGCUUUGCACGCAGGAGGUCUGCGGUUCGAUCCCGCAUAGCUCCACCA D
#
loop_
_chem_comp.id
_chem_comp.type
_chem_comp.name
_chem_comp.formula
A RNA linking ADENOSINE-5'-MONOPHOSPHATE 'C10 H14 N5 O7 P'
C RNA linking CYTIDINE-5'-MONOPHOSPHATE 'C9 H14 N3 O8 P'
G RNA linking GUANOSINE-5'-MONOPHOSPHATE 'C10 H14 N5 O8 P'
MG non-polymer 'MAGNESIUM ION' 'Mg 2'
U RNA linking URIDINE-5'-MONOPHOSPHATE 'C9 H13 N2 O9 P'
#
# COMPACT_ATOMS: atom_id res chain seq x y z
N MET A 1 -11.58 -13.59 18.33
CA MET A 1 -10.49 -14.53 18.74
C MET A 1 -9.45 -13.81 19.59
N GLU A 2 -8.56 -14.58 20.20
CA GLU A 2 -7.50 -14.01 21.02
C GLU A 2 -6.62 -13.11 20.17
N THR A 3 -6.37 -11.89 20.66
CA THR A 3 -5.70 -10.86 19.91
C THR A 3 -4.26 -10.71 20.38
N TYR A 4 -3.58 -9.68 19.89
CA TYR A 4 -2.23 -9.35 20.32
C TYR A 4 -2.05 -7.84 20.26
N LYS A 5 -1.03 -7.36 20.95
CA LYS A 5 -0.83 -5.91 21.07
C LYS A 5 -0.70 -5.27 19.70
N VAL A 6 -1.37 -4.14 19.51
CA VAL A 6 -1.35 -3.42 18.25
C VAL A 6 -1.03 -1.95 18.53
N THR A 7 -0.33 -1.30 17.61
CA THR A 7 0.07 0.09 17.77
C THR A 7 -0.52 0.95 16.66
N LYS A 8 -0.77 2.21 16.98
CA LYS A 8 -1.24 3.17 15.99
C LYS A 8 -0.68 4.53 16.33
N THR A 9 -0.63 5.40 15.33
CA THR A 9 -0.17 6.78 15.50
C THR A 9 -1.35 7.71 15.25
N ILE A 10 -1.81 8.37 16.31
CA ILE A 10 -2.92 9.30 16.24
C ILE A 10 -2.41 10.67 16.63
N ARG A 11 -3.01 11.72 16.07
CA ARG A 11 -2.50 13.07 16.25
C ARG A 11 -3.64 14.05 16.46
N PHE A 12 -3.29 15.18 17.07
CA PHE A 12 -4.24 16.25 17.37
C PHE A 12 -3.58 17.57 17.06
N LYS A 13 -4.26 18.68 17.38
CA LYS A 13 -3.73 20.00 17.17
C LYS A 13 -3.40 20.64 18.52
N LEU A 14 -2.38 21.49 18.54
CA LEU A 14 -1.93 22.15 19.75
C LEU A 14 -2.00 23.66 19.56
N GLU A 15 -2.48 24.36 20.59
CA GLU A 15 -2.52 25.82 20.61
C GLU A 15 -1.56 26.32 21.66
N ALA A 16 -0.54 27.08 21.25
CA ALA A 16 0.46 27.57 22.18
C ALA A 16 -0.14 28.60 23.11
N GLN A 17 0.38 28.67 24.34
CA GLN A 17 -0.04 29.69 25.29
C GLN A 17 1.13 30.45 25.88
N ASN A 18 2.25 29.78 26.13
CA ASN A 18 3.39 30.41 26.78
C ASN A 18 4.67 29.78 26.23
N VAL A 19 5.61 30.61 25.81
CA VAL A 19 6.85 30.12 25.23
C VAL A 19 8.03 31.00 25.66
N GLY A 208 7.12 17.95 9.39
CA GLY A 208 7.73 19.26 9.45
C GLY A 208 8.92 19.28 10.40
N LEU A 209 9.43 20.47 10.71
CA LEU A 209 10.58 20.54 11.59
C LEU A 209 10.25 19.92 12.95
N PRO A 210 11.15 19.18 13.55
CA PRO A 210 10.93 18.74 14.88
C PRO A 210 11.15 19.79 15.96
N VAL A 211 10.11 20.59 16.18
CA VAL A 211 10.22 21.70 17.11
C VAL A 211 10.44 21.18 18.53
N ALA A 212 9.78 20.09 18.89
CA ALA A 212 9.98 19.47 20.19
C ALA A 212 9.63 17.99 20.14
N LYS A 213 10.34 17.21 20.95
CA LYS A 213 10.03 15.81 21.18
C LYS A 213 10.14 15.56 22.68
N ALA A 214 9.28 14.69 23.21
CA ALA A 214 9.18 14.59 24.66
C ALA A 214 8.80 13.16 25.04
N SER A 215 9.00 12.85 26.33
CA SER A 215 8.70 11.54 26.86
C SER A 215 8.06 11.70 28.24
N PHE A 216 6.86 11.14 28.41
CA PHE A 216 6.18 11.25 29.68
C PHE A 216 6.99 10.57 30.79
N ASN A 217 7.39 9.33 30.57
CA ASN A 217 8.17 8.62 31.55
C ASN A 217 9.44 9.40 31.86
N TYR A 218 9.65 9.68 33.15
CA TYR A 218 10.74 10.55 33.57
C TYR A 218 12.10 9.87 33.51
N TYR A 219 12.13 8.56 33.30
CA TYR A 219 13.38 7.81 33.33
C TYR A 219 13.88 7.41 31.94
N THR A 220 13.19 7.83 30.88
CA THR A 220 13.70 7.69 29.52
C THR A 220 14.06 9.03 28.92
N ILE A 221 14.25 10.05 29.76
CA ILE A 221 14.67 11.38 29.30
C ILE A 221 16.17 11.50 29.12
N ASN A 222 16.95 10.50 29.53
CA ASN A 222 18.40 10.47 29.36
C ASN A 222 18.82 9.16 28.71
N LYS A 223 18.11 8.82 27.65
CA LYS A 223 18.29 7.54 26.97
C LYS A 223 19.73 7.38 26.49
N LYS A 224 20.07 6.14 26.14
CA LYS A 224 21.32 5.82 25.47
C LYS A 224 21.05 4.86 24.32
N PRO A 225 21.89 4.87 23.29
CA PRO A 225 21.59 4.09 22.09
C PRO A 225 21.49 2.60 22.36
N VAL A 226 20.69 1.92 21.53
CA VAL A 226 20.43 0.51 21.73
C VAL A 226 21.72 -0.28 21.59
N ASP A 227 21.70 -1.52 22.09
CA ASP A 227 22.85 -2.42 22.04
C ASP A 227 22.68 -3.34 20.83
N PHE A 228 23.19 -2.88 19.68
CA PHE A 228 23.17 -3.65 18.45
C PHE A 228 24.47 -4.42 18.22
N GLY A 229 25.13 -4.85 19.28
CA GLY A 229 26.43 -5.47 19.13
C GLY A 229 26.40 -6.73 18.27
N ASN A 230 25.33 -7.53 18.40
CA ASN A 230 25.27 -8.80 17.69
C ASN A 230 25.10 -8.60 16.20
N GLU A 231 24.16 -7.74 15.80
CA GLU A 231 23.86 -7.57 14.39
C GLU A 231 25.06 -7.00 13.63
N LYS A 232 25.78 -6.07 14.25
CA LYS A 232 26.94 -5.49 13.58
C LYS A 232 27.98 -6.56 13.28
N SER A 233 28.25 -7.42 14.25
CA SER A 233 29.21 -8.50 14.04
C SER A 233 28.66 -9.60 13.15
N GLU A 234 27.34 -9.67 12.97
CA GLU A 234 26.74 -10.69 12.12
C GLU A 234 26.67 -10.28 10.66
N LEU A 235 26.40 -9.00 10.37
CA LEU A 235 26.28 -8.56 8.98
C LEU A 235 27.61 -8.53 8.25
N GLU A 236 28.71 -8.27 8.95
CA GLU A 236 30.02 -8.35 8.31
C GLU A 236 30.25 -9.75 7.77
N SER A 237 29.72 -10.77 8.45
CA SER A 237 29.85 -12.14 7.97
C SER A 237 29.09 -12.38 6.68
N ARG A 238 28.09 -11.56 6.38
CA ARG A 238 27.37 -11.66 5.12
C ARG A 238 27.95 -10.77 4.03
N LEU A 239 28.60 -9.66 4.41
CA LEU A 239 29.22 -8.81 3.41
C LEU A 239 30.38 -9.51 2.72
N LYS A 240 31.27 -10.12 3.50
CA LYS A 240 32.50 -10.67 2.93
C LYS A 240 32.19 -11.74 1.90
N ILE A 241 32.98 -11.77 0.83
CA ILE A 241 32.80 -12.67 -0.29
C ILE A 241 34.14 -13.31 -0.62
N SER A 242 34.10 -14.51 -1.20
CA SER A 242 35.29 -15.32 -1.42
C SER A 242 35.60 -15.53 -2.90
N ILE A 243 35.33 -14.53 -3.74
CA ILE A 243 35.71 -14.56 -5.15
C ILE A 243 35.02 -15.73 -5.84
N ASP A 244 35.43 -16.95 -5.51
CA ASP A 244 34.97 -18.12 -6.24
C ASP A 244 33.47 -18.33 -6.11
N THR A 245 32.82 -17.73 -5.12
CA THR A 245 31.41 -17.92 -4.88
C THR A 245 30.55 -16.81 -5.49
N ILE A 246 31.14 -15.93 -6.29
CA ILE A 246 30.38 -14.82 -6.86
C ILE A 246 29.29 -15.33 -7.78
N PHE A 247 29.66 -16.19 -8.72
CA PHE A 247 28.75 -16.56 -9.80
C PHE A 247 27.53 -17.33 -9.33
N LYS A 248 27.54 -17.85 -8.11
CA LYS A 248 26.39 -18.57 -7.57
C LYS A 248 25.40 -17.65 -6.88
N LEU A 249 25.64 -16.34 -6.89
CA LEU A 249 24.66 -15.39 -6.35
C LEU A 249 23.58 -15.04 -7.36
N THR A 250 23.65 -15.54 -8.58
CA THR A 250 22.74 -15.15 -9.65
C THR A 250 22.22 -16.37 -10.39
N ARG A 251 21.04 -16.20 -10.98
CA ARG A 251 20.43 -17.22 -11.83
C ARG A 251 21.00 -17.21 -13.25
N GLU A 252 21.70 -16.15 -13.64
CA GLU A 252 22.17 -16.02 -15.02
C GLU A 252 23.30 -17.00 -15.30
N ASN A 253 23.54 -17.22 -16.59
CA ASN A 253 24.55 -18.17 -17.06
C ASN A 253 25.53 -17.45 -17.97
N PHE A 254 26.82 -17.59 -17.67
CA PHE A 254 27.89 -17.03 -18.49
C PHE A 254 28.81 -18.15 -18.97
N SER A 255 29.21 -18.07 -20.23
CA SER A 255 30.18 -19.02 -20.75
C SER A 255 31.45 -18.97 -19.92
N LYS A 256 32.29 -20.01 -20.08
CA LYS A 256 33.46 -20.12 -19.24
C LYS A 256 34.47 -19.02 -19.53
N LYS A 257 34.62 -18.61 -20.79
CA LYS A 257 35.59 -17.58 -21.13
C LYS A 257 35.25 -16.26 -20.45
N ILE A 258 33.97 -15.88 -20.49
CA ILE A 258 33.55 -14.63 -19.85
C ILE A 258 33.78 -14.72 -18.34
N GLU A 259 33.46 -15.87 -17.75
CA GLU A 259 33.68 -16.04 -16.32
C GLU A 259 35.16 -15.86 -15.98
N GLU A 260 36.04 -16.48 -16.75
CA GLU A 260 37.46 -16.36 -16.49
C GLU A 260 37.91 -14.91 -16.64
N ALA A 261 37.40 -14.21 -17.67
CA ALA A 261 37.79 -12.82 -17.88
C ALA A 261 37.34 -11.94 -16.71
N ILE A 262 36.12 -12.14 -16.21
CA ILE A 262 35.63 -11.33 -15.12
C ILE A 262 36.44 -11.61 -13.85
N THR A 263 36.73 -12.88 -13.59
CA THR A 263 37.52 -13.22 -12.42
C THR A 263 38.91 -12.60 -12.52
N ALA A 264 39.50 -12.61 -13.72
CA ALA A 264 40.81 -11.99 -13.91
C ALA A 264 40.74 -10.48 -13.66
N ASP A 265 39.68 -9.84 -14.16
CA ASP A 265 39.54 -8.40 -13.96
C ASP A 265 39.46 -8.07 -12.48
N ILE A 266 38.71 -8.86 -11.71
CA ILE A 266 38.61 -8.62 -10.27
C ILE A 266 39.95 -8.87 -9.59
N GLN A 267 40.59 -9.99 -9.91
CA GLN A 267 41.88 -10.30 -9.30
C GLN A 267 42.89 -9.21 -9.60
N LYS A 268 42.77 -8.55 -10.75
CA LYS A 268 43.67 -7.45 -11.07
C LYS A 268 43.66 -6.40 -9.98
N GLU A 269 42.51 -6.15 -9.36
CA GLU A 269 42.40 -5.19 -8.28
C GLU A 269 42.66 -5.79 -6.90
N LEU A 270 42.29 -7.04 -6.67
CA LEU A 270 42.43 -7.63 -5.35
C LEU A 270 43.88 -7.89 -4.94
N ASN A 271 44.86 -7.49 -5.75
CA ASN A 271 46.24 -7.66 -5.35
C ASN A 271 46.55 -6.78 -4.14
N ASN A 272 47.79 -6.91 -3.64
CA ASN A 272 48.27 -6.14 -2.50
C ASN A 272 47.57 -6.50 -1.20
N GLY A 273 46.94 -7.67 -1.14
CA GLY A 273 46.33 -8.13 0.09
C GLY A 273 44.95 -7.60 0.38
N LYS A 274 44.32 -6.92 -0.57
CA LYS A 274 42.95 -6.44 -0.36
C LYS A 274 41.98 -7.61 -0.21
N THR A 275 40.89 -7.35 0.50
CA THR A 275 39.82 -8.33 0.67
C THR A 275 38.56 -7.81 -0.01
N LEU A 276 37.80 -8.74 -0.59
CA LEU A 276 36.65 -8.40 -1.42
C LEU A 276 35.39 -8.36 -0.58
N LEU A 277 34.53 -7.39 -0.87
CA LEU A 277 33.23 -7.25 -0.21
C LEU A 277 32.14 -7.15 -1.28
N LEU A 278 30.93 -7.56 -0.89
CA LEU A 278 29.81 -7.43 -1.81
C LEU A 278 29.48 -5.97 -2.09
N GLY A 279 30.02 -5.05 -1.31
CA GLY A 279 29.77 -3.63 -1.52
C GLY A 279 30.60 -2.83 -0.57
N ASP A 280 30.49 -1.51 -0.70
CA ASP A 280 31.22 -0.58 0.15
C ASP A 280 30.33 -0.10 1.28
N VAL A 281 30.86 -0.09 2.50
CA VAL A 281 30.11 0.32 3.68
C VAL A 281 31.04 1.13 4.59
N PRO A 282 31.01 2.46 4.53
CA PRO A 282 31.92 3.25 5.38
C PRO A 282 31.57 3.20 6.86
N MET A 283 30.37 2.76 7.23
CA MET A 283 29.97 2.78 8.63
C MET A 283 30.63 1.67 9.44
N LEU A 284 30.74 0.46 8.89
CA LEU A 284 31.38 -0.62 9.63
C LEU A 284 32.86 -0.36 9.87
N GLY A 285 33.50 0.46 9.04
CA GLY A 285 34.87 0.83 9.28
C GLY A 285 35.90 -0.10 8.69
N ILE A 286 35.53 -0.95 7.73
CA ILE A 286 36.50 -1.84 7.11
C ILE A 286 37.41 -1.03 6.20
N GLU A 287 38.67 -1.47 6.11
CA GLU A 287 39.67 -0.84 5.26
C GLU A 287 40.42 -1.91 4.48
N ASN A 288 41.19 -1.47 3.48
CA ASN A 288 41.87 -2.38 2.57
C ASN A 288 40.87 -3.30 1.88
N TYR A 289 39.67 -2.78 1.60
CA TYR A 289 38.58 -3.56 1.03
C TYR A 289 38.26 -3.07 -0.37
N VAL A 290 37.87 -4.01 -1.23
CA VAL A 290 37.54 -3.74 -2.61
C VAL A 290 36.08 -4.12 -2.84
N SER A 291 35.31 -3.18 -3.39
CA SER A 291 33.89 -3.38 -3.61
C SER A 291 33.66 -4.10 -4.92
N LEU A 292 32.84 -5.16 -4.88
CA LEU A 292 32.52 -5.89 -6.10
C LEU A 292 31.55 -5.12 -6.98
N ARG A 293 30.61 -4.40 -6.35
CA ARG A 293 29.64 -3.63 -7.12
C ARG A 293 30.33 -2.55 -7.95
N GLN A 294 31.31 -1.86 -7.37
CA GLN A 294 32.03 -0.83 -8.11
C GLN A 294 32.76 -1.42 -9.31
N ILE A 295 33.40 -2.57 -9.14
CA ILE A 295 34.11 -3.19 -10.24
C ILE A 295 33.15 -3.61 -11.34
N LEU A 296 32.00 -4.18 -10.96
CA LEU A 296 31.02 -4.55 -11.95
C LEU A 296 30.50 -3.34 -12.70
N LYS A 297 30.35 -2.20 -12.01
CA LYS A 297 29.98 -0.97 -12.71
C LYS A 297 31.07 -0.53 -13.68
N ASN A 298 32.32 -0.58 -13.24
CA ASN A 298 33.42 -0.04 -14.04
C ASN A 298 33.65 -0.84 -15.31
N ILE A 299 33.61 -2.18 -15.20
CA ILE A 299 33.89 -2.96 -16.41
C ILE A 299 32.78 -2.78 -17.44
N LYS A 300 31.56 -2.48 -16.99
CA LYS A 300 30.49 -2.18 -17.93
C LYS A 300 30.68 -0.79 -18.55
N SER A 301 31.03 0.19 -17.72
CA SER A 301 31.19 1.55 -18.21
C SER A 301 32.31 1.65 -19.24
N ASN A 302 33.45 1.03 -18.96
CA ASN A 302 34.57 1.13 -19.90
C ASN A 302 34.21 0.55 -21.26
N GLN A 303 33.52 -0.59 -21.27
CA GLN A 303 33.17 -1.21 -22.53
C GLN A 303 32.10 -0.42 -23.28
N LYS A 304 31.10 0.11 -22.59
CA LYS A 304 30.13 0.94 -23.28
C LYS A 304 30.78 2.22 -23.78
N LYS A 305 31.88 2.64 -23.15
CA LYS A 305 32.62 3.79 -23.65
C LYS A 305 33.38 3.44 -24.92
N ALA A 306 34.05 2.29 -24.94
CA ALA A 306 34.87 1.94 -26.09
C ALA A 306 34.02 1.56 -27.29
N PHE A 307 32.88 0.90 -27.07
CA PHE A 307 32.05 0.45 -28.19
C PHE A 307 31.51 1.64 -28.98
N SER A 308 31.09 2.70 -28.30
CA SER A 308 30.58 3.87 -29.01
C SER A 308 31.66 4.50 -29.88
N ASP A 309 32.88 4.63 -29.35
CA ASP A 309 33.98 5.15 -30.14
C ASP A 309 34.23 4.28 -31.36
N LEU A 310 34.25 2.97 -31.17
CA LEU A 310 34.51 2.06 -32.28
C LEU A 310 33.44 2.20 -33.36
N MET A 311 32.17 2.29 -32.95
CA MET A 311 31.09 2.36 -33.93
C MET A 311 31.06 3.71 -34.64
N GLN A 312 31.37 4.79 -34.00
CA GLN A 312 31.39 6.11 -34.49
C GLN A 312 32.51 6.39 -35.45
N SER A 313 33.69 5.94 -35.18
CA SER A 313 34.90 6.12 -35.89
C SER A 313 34.94 5.39 -37.21
N GLY A 314 34.06 4.42 -37.40
CA GLY A 314 33.93 3.77 -38.69
C GLY A 314 34.75 2.53 -38.89
N LYS A 315 34.93 1.71 -37.86
CA LYS A 315 35.64 0.44 -38.03
C LYS A 315 34.69 -0.63 -38.54
N ASN A 316 35.23 -1.83 -38.75
CA ASN A 316 34.52 -2.91 -39.41
C ASN A 316 34.21 -4.05 -38.44
N TYR A 317 33.30 -4.93 -38.86
CA TYR A 317 32.90 -6.06 -38.03
C TYR A 317 34.09 -6.90 -37.63
N ASN A 318 34.94 -7.27 -38.60
CA ASN A 318 36.12 -8.06 -38.28
C ASN A 318 37.01 -7.33 -37.30
N GLU A 319 37.11 -6.01 -37.40
CA GLU A 319 37.85 -5.25 -36.41
C GLU A 319 37.23 -5.37 -35.04
N LEU A 320 35.90 -5.34 -34.96
CA LEU A 320 35.23 -5.48 -33.68
C LEU A 320 35.54 -6.83 -33.05
N LYS A 321 35.48 -7.90 -33.85
CA LYS A 321 35.68 -9.24 -33.29
C LYS A 321 37.07 -9.44 -32.72
N ALA A 322 38.02 -8.57 -33.07
CA ALA A 322 39.39 -8.69 -32.59
C ALA A 322 39.68 -7.86 -31.35
N THR A 323 38.67 -7.17 -30.81
CA THR A 323 38.89 -6.29 -29.67
C THR A 323 38.80 -7.09 -28.36
N ASN A 324 39.02 -6.39 -27.25
CA ASN A 324 38.98 -6.97 -25.92
C ASN A 324 37.62 -6.79 -25.23
N LEU A 325 36.63 -6.25 -25.94
CA LEU A 325 35.31 -6.00 -25.37
C LEU A 325 34.52 -7.32 -25.36
N TYR A 326 34.84 -8.15 -24.36
CA TYR A 326 34.28 -9.50 -24.33
C TYR A 326 32.77 -9.51 -24.14
N LEU A 327 32.19 -8.44 -23.59
CA LEU A 327 30.73 -8.42 -23.46
C LEU A 327 30.05 -8.16 -24.80
N LEU A 328 30.55 -7.21 -25.58
CA LEU A 328 29.93 -6.84 -26.84
C LEU A 328 30.42 -7.68 -28.01
N ASN A 329 31.55 -8.36 -27.88
CA ASN A 329 31.98 -9.29 -28.90
C ASN A 329 30.90 -10.33 -29.15
N THR A 330 30.97 -11.03 -30.28
CA THR A 330 30.12 -12.17 -30.57
C THR A 330 28.67 -11.78 -30.88
N ILE A 331 28.41 -10.54 -31.23
CA ILE A 331 27.08 -10.15 -31.69
C ILE A 331 26.98 -10.45 -33.18
N GLU A 332 25.79 -10.90 -33.60
CA GLU A 332 25.58 -11.19 -35.01
C GLU A 332 25.82 -9.95 -35.85
N GLN A 333 26.48 -10.15 -36.99
CA GLN A 333 26.75 -9.01 -37.88
C GLN A 333 25.47 -8.30 -38.27
N ARG A 334 24.35 -9.03 -38.29
CA ARG A 334 23.07 -8.38 -38.57
C ARG A 334 22.80 -7.26 -37.58
N GLN A 335 22.98 -7.52 -36.28
CA GLN A 335 22.79 -6.48 -35.28
C GLN A 335 23.80 -5.35 -35.46
N PHE A 336 25.04 -5.68 -35.79
CA PHE A 336 26.06 -4.67 -36.00
C PHE A 336 25.62 -3.69 -37.08
N ASP A 337 25.16 -4.20 -38.22
CA ASP A 337 24.70 -3.31 -39.29
C ASP A 337 23.44 -2.57 -38.87
N ASN A 338 22.52 -3.25 -38.19
CA ASN A 338 21.32 -2.58 -37.71
C ASN A 338 21.67 -1.35 -36.88
N TYR A 339 22.72 -1.47 -36.07
CA TYR A 339 23.15 -0.36 -35.23
C TYR A 339 23.85 0.72 -36.04
N LYS A 340 24.74 0.33 -36.96
CA LYS A 340 25.52 1.35 -37.66
C LYS A 340 24.67 2.16 -38.63
N VAL A 341 23.60 1.57 -39.17
CA VAL A 341 22.70 2.34 -40.02
C VAL A 341 22.13 3.52 -39.25
N LYS A 342 21.59 3.25 -38.05
CA LYS A 342 21.07 4.33 -37.22
C LYS A 342 22.17 5.30 -36.83
N THR A 343 23.37 4.79 -36.53
CA THR A 343 24.47 5.67 -36.14
C THR A 343 24.77 6.69 -37.22
N ASN A 344 24.95 6.31 -38.45
CA ASN A 344 25.24 7.14 -39.55
C ASN A 344 24.11 8.07 -39.89
N GLU A 345 22.89 7.65 -39.84
CA GLU A 345 21.73 8.43 -40.00
C GLU A 345 21.70 9.58 -39.03
N LEU A 346 21.96 9.33 -37.79
CA LEU A 346 22.06 10.26 -36.74
C LEU A 346 23.17 11.27 -36.97
N GLU A 347 24.29 10.83 -37.41
CA GLU A 347 25.38 11.61 -37.84
C GLU A 347 24.97 12.64 -38.85
N LYS A 348 24.27 12.25 -39.85
CA LYS A 348 23.68 13.06 -40.86
C LYS A 348 22.77 14.12 -40.28
N LEU A 349 21.85 13.73 -39.45
CA LEU A 349 20.94 14.54 -38.76
C LEU A 349 21.62 15.66 -38.03
N ALA A 350 22.72 15.41 -37.40
CA ALA A 350 23.49 16.34 -36.67
C ALA A 350 23.86 17.55 -37.49
N VAL A 351 24.54 17.32 -38.63
CA VAL A 351 24.98 18.41 -39.52
C VAL A 351 23.81 19.09 -40.21
N LYS A 352 22.70 18.39 -40.45
CA LYS A 352 21.50 18.94 -40.95
C LYS A 352 20.91 19.95 -40.00
N ILE A 353 20.86 19.65 -38.75
CA ILE A 353 20.40 20.46 -37.68
C ILE A 353 21.27 21.68 -37.49
N ASN A 354 22.60 21.56 -37.58
CA ASN A 354 23.51 22.70 -37.29
C ASN A 354 23.21 23.95 -38.14
N GLN A 355 23.00 23.77 -39.44
CA GLN A 355 22.71 24.83 -40.41
C GLN A 355 21.20 25.08 -40.60
N ALA A 356 20.36 24.77 -39.61
CA ALA A 356 18.95 24.83 -39.68
C ALA A 356 18.44 26.25 -39.66
N THR A 357 17.24 26.49 -40.08
CA THR A 357 16.53 27.70 -40.11
C THR A 357 15.03 27.52 -40.05
N ASN A 358 14.29 28.39 -39.44
CA ASN A 358 12.88 28.45 -39.46
C ASN A 358 12.23 27.18 -38.94
N ASP A 359 10.93 27.02 -39.23
CA ASP A 359 10.15 25.93 -38.64
C ASP A 359 10.72 24.56 -39.02
N ASN A 360 11.50 24.42 -40.03
CA ASN A 360 12.19 23.24 -40.39
C ASN A 360 12.88 22.63 -39.21
N GLN A 361 13.51 23.41 -38.39
CA GLN A 361 14.23 23.01 -37.24
C GLN A 361 13.41 22.21 -36.27
N LYS A 362 12.09 22.45 -36.28
CA LYS A 362 11.21 21.67 -35.41
C LYS A 362 10.96 20.28 -35.97
N LYS A 363 10.84 20.16 -37.29
CA LYS A 363 10.57 18.85 -37.88
C LYS A 363 11.79 17.95 -37.83
N GLU A 364 12.98 18.45 -37.86
CA GLU A 364 14.20 17.77 -37.72
C GLU A 364 14.38 17.15 -36.36
N LEU A 365 14.27 17.92 -35.33
CA LEU A 365 14.49 17.56 -33.99
C LEU A 365 13.77 16.30 -33.62
N ILE A 366 12.46 16.31 -33.86
CA ILE A 366 11.64 15.13 -33.55
C ILE A 366 12.18 13.90 -34.28
N SER A 367 12.50 14.04 -35.56
CA SER A 367 12.99 12.90 -36.30
C SER A 367 14.33 12.42 -35.73
N ASN A 368 15.10 13.24 -35.10
CA ASN A 368 16.29 12.95 -34.40
C ASN A 368 16.03 12.25 -33.09
N LYS A 369 14.96 12.66 -32.42
CA LYS A 369 14.71 12.19 -31.06
C LYS A 369 13.77 10.98 -31.05
N GLN A 370 12.56 11.16 -31.59
CA GLN A 370 11.52 10.16 -31.39
C GLN A 370 11.93 8.80 -31.95
N ARG A 371 12.47 8.79 -33.16
CA ARG A 371 12.62 7.55 -33.91
C ARG A 371 14.04 7.00 -33.91
N VAL A 372 15.04 7.86 -33.92
CA VAL A 372 16.40 7.39 -34.15
C VAL A 372 17.08 7.01 -32.84
N ALA A 373 17.25 7.98 -31.94
CA ALA A 373 17.98 7.71 -30.70
C ALA A 373 17.28 6.63 -29.88
N LYS A 374 15.96 6.73 -29.74
CA LYS A 374 15.23 5.77 -28.93
C LYS A 374 15.31 4.37 -29.52
N GLN A 375 15.10 4.23 -30.83
CA GLN A 375 15.18 2.92 -31.45
C GLN A 375 16.58 2.33 -31.32
N ARG A 376 17.61 3.14 -31.53
CA ARG A 376 18.97 2.63 -31.37
C ARG A 376 19.20 2.17 -29.94
N GLY A 377 18.75 2.93 -28.96
CA GLY A 377 18.92 2.52 -27.57
C GLY A 377 18.23 1.20 -27.26
N ILE A 378 16.98 1.05 -27.72
CA ILE A 378 16.26 -0.19 -27.49
C ILE A 378 16.97 -1.36 -28.17
N ILE A 379 17.55 -1.13 -29.35
CA ILE A 379 18.22 -2.22 -30.06
C ILE A 379 19.27 -2.86 -29.16
N MET A 380 20.11 -2.05 -28.54
CA MET A 380 21.15 -2.58 -27.67
C MET A 380 20.61 -3.03 -26.33
N ARG A 381 19.52 -2.44 -25.85
CA ARG A 381 19.00 -2.85 -24.56
C ARG A 381 18.40 -4.24 -24.61
N ASP A 382 17.67 -4.58 -25.68
CA ASP A 382 16.85 -5.78 -25.67
C ASP A 382 17.21 -6.83 -26.71
N ASN A 383 18.38 -6.73 -27.35
CA ASN A 383 18.79 -7.73 -28.32
C ASN A 383 20.20 -8.26 -28.13
N PHE A 384 21.06 -7.53 -27.44
CA PHE A 384 22.42 -8.00 -27.18
C PHE A 384 22.35 -8.96 -26.00
N ALA A 385 22.37 -10.27 -26.30
CA ALA A 385 22.07 -11.26 -25.27
C ALA A 385 23.02 -11.16 -24.08
N THR A 386 24.32 -11.17 -24.34
CA THR A 386 25.29 -11.12 -23.24
C THR A 386 25.16 -9.81 -22.48
N TRP A 387 24.94 -8.71 -23.19
CA TRP A 387 24.73 -7.43 -22.52
C TRP A 387 23.54 -7.50 -21.57
N LYS A 388 22.42 -8.07 -22.04
CA LYS A 388 21.24 -8.18 -21.21
C LYS A 388 21.52 -9.03 -19.98
N SER A 389 22.17 -10.17 -20.17
CA SER A 389 22.45 -11.06 -19.05
C SER A 389 23.34 -10.37 -18.02
N PHE A 390 24.37 -9.66 -18.48
CA PHE A 390 25.25 -8.98 -17.54
C PHE A 390 24.52 -7.86 -16.82
N SER A 391 23.63 -7.15 -17.51
CA SER A 391 22.83 -6.15 -16.82
C SER A 391 22.00 -6.77 -15.72
N ASN A 392 21.38 -7.92 -15.99
CA ASN A 392 20.59 -8.58 -14.95
C ASN A 392 21.45 -9.03 -13.77
N PHE A 393 22.64 -9.58 -14.06
CA PHE A 393 23.53 -9.99 -12.99
C PHE A 393 23.93 -8.81 -12.11
N TYR A 394 24.29 -7.69 -12.74
CA TYR A 394 24.66 -6.51 -11.97
C TYR A 394 23.48 -6.00 -11.15
N ARG A 395 22.27 -6.04 -11.72
CA ARG A 395 21.09 -5.62 -10.97
C ARG A 395 20.91 -6.46 -9.73
N THR A 396 21.02 -7.78 -9.86
CA THR A 396 20.84 -8.64 -8.70
C THR A 396 21.88 -8.34 -7.62
N ILE A 397 23.15 -8.20 -8.02
CA ILE A 397 24.18 -7.87 -7.04
C ILE A 397 23.87 -6.55 -6.36
N SER A 398 23.43 -5.55 -7.13
CA SER A 398 23.18 -4.23 -6.55
C SER A 398 22.05 -4.30 -5.53
N GLN A 399 20.97 -5.01 -5.85
CA GLN A 399 19.86 -5.12 -4.91
C GLN A 399 20.29 -5.85 -3.64
N GLU A 400 21.02 -6.96 -3.80
CA GLU A 400 21.49 -7.70 -2.63
C GLU A 400 22.31 -6.80 -1.72
N HIS A 401 23.24 -6.03 -2.30
CA HIS A 401 24.05 -5.14 -1.48
C HIS A 401 23.18 -4.07 -0.84
N GLY A 402 22.22 -3.52 -1.57
CA GLY A 402 21.41 -2.44 -1.04
C GLY A 402 20.62 -2.86 0.19
N LYS A 403 20.19 -4.11 0.22
CA LYS A 403 19.45 -4.60 1.39
C LYS A 403 20.26 -4.41 2.67
N ILE A 404 21.44 -5.02 2.74
CA ILE A 404 22.25 -5.00 3.95
C ILE A 404 22.95 -3.65 4.08
N LEU A 405 22.81 -2.80 3.08
CA LEU A 405 23.19 -1.40 3.26
C LEU A 405 22.14 -0.65 4.07
N ALA A 406 20.86 -0.82 3.69
CA ALA A 406 19.79 -0.14 4.40
C ALA A 406 19.72 -0.58 5.85
N LEU A 407 19.87 -1.89 6.09
CA LEU A 407 19.85 -2.37 7.47
C LEU A 407 20.87 -1.63 8.32
N LEU A 408 22.12 -1.56 7.85
CA LEU A 408 23.17 -0.91 8.62
C LEU A 408 22.97 0.59 8.72
N LYS A 409 22.41 1.21 7.70
CA LYS A 409 22.14 2.64 7.78
C LYS A 409 21.12 2.94 8.88
N GLY A 410 20.07 2.12 8.98
CA GLY A 410 19.14 2.27 10.10
C GLY A 410 19.80 2.02 11.44
N ILE A 411 20.63 0.98 11.52
CA ILE A 411 21.33 0.69 12.77
C ILE A 411 22.14 1.89 13.22
N GLU A 412 22.78 2.57 12.26
CA GLU A 412 23.59 3.73 12.63
C GLU A 412 22.73 4.93 13.00
N LYS A 413 21.68 5.19 12.22
CA LYS A 413 20.84 6.37 12.48
C LYS A 413 20.16 6.29 13.84
N GLU A 414 19.86 5.08 14.30
CA GLU A 414 19.32 4.95 15.65
C GLU A 414 20.26 5.55 16.69
N ARG A 415 21.57 5.52 16.46
CA ARG A 415 22.51 6.04 17.45
C ARG A 415 22.34 7.53 17.69
N THR A 416 21.90 8.29 16.69
CA THR A 416 21.72 9.73 16.84
C THR A 416 20.28 10.15 16.98
N GLU A 417 19.32 9.31 16.59
CA GLU A 417 17.93 9.69 16.77
C GLU A 417 17.55 9.78 18.25
N SER A 418 18.30 9.10 19.12
CA SER A 418 17.92 8.93 20.52
C SER A 418 18.56 9.96 21.44
N GLN A 419 19.05 11.08 20.92
CA GLN A 419 19.67 12.12 21.75
C GLN A 419 18.84 13.39 21.80
N LEU A 420 17.67 13.42 21.17
CA LEU A 420 16.91 14.65 21.03
C LEU A 420 15.81 14.81 22.08
N LEU A 421 15.69 13.89 23.03
CA LEU A 421 14.73 14.03 24.11
C LEU A 421 15.27 14.98 25.16
N LYS A 422 14.47 15.98 25.56
CA LYS A 422 14.88 16.86 26.64
C LYS A 422 13.79 17.20 27.64
N TYR A 423 12.52 16.94 27.35
CA TYR A 423 11.40 17.48 28.12
C TYR A 423 10.69 16.39 28.90
N TRP A 424 10.16 16.75 30.07
CA TRP A 424 9.21 15.95 30.80
C TRP A 424 7.83 16.54 30.58
N ALA A 425 6.87 15.71 30.23
CA ALA A 425 5.54 16.17 29.83
C ALA A 425 4.50 15.79 30.86
N LEU A 426 3.46 16.62 30.93
CA LEU A 426 2.36 16.43 31.87
C LEU A 426 1.06 16.82 31.18
N ILE A 427 -0.03 16.23 31.64
CA ILE A 427 -1.36 16.51 31.11
C ILE A 427 -2.20 17.04 32.26
N LEU A 428 -2.53 18.33 32.21
CA LEU A 428 -3.31 18.99 33.24
C LEU A 428 -4.76 19.06 32.80
N GLU A 429 -5.61 18.26 33.41
CA GLU A 429 -7.01 18.16 33.02
C GLU A 429 -7.85 19.18 33.77
N ASN A 430 -8.78 19.82 33.06
CA ASN A 430 -9.64 20.83 33.66
C ASN A 430 -10.95 20.93 32.91
N ASN A 431 -12.04 21.13 33.66
CA ASN A 431 -13.40 21.26 33.14
C ASN A 431 -13.66 20.32 31.97
N GLY A 432 -13.19 19.07 32.07
CA GLY A 432 -13.41 18.11 31.02
C GLY A 432 -12.52 18.27 29.80
N GLN A 433 -11.47 19.09 29.89
CA GLN A 433 -10.56 19.30 28.78
C GLN A 433 -9.12 19.20 29.29
N HIS A 434 -8.22 18.82 28.40
CA HIS A 434 -6.82 18.59 28.74
C HIS A 434 -5.97 19.76 28.25
N LYS A 435 -4.89 20.02 28.96
CA LYS A 435 -3.81 20.86 28.51
C LYS A 435 -2.59 19.99 28.26
N LEU A 436 -1.47 20.63 27.95
CA LEU A 436 -0.21 19.93 27.73
C LEU A 436 0.91 20.80 28.27
N ILE A 437 1.70 20.26 29.18
CA ILE A 437 2.78 20.99 29.83
C ILE A 437 4.09 20.32 29.49
N LEU A 438 5.05 21.11 29.01
CA LEU A 438 6.40 20.65 28.77
C LEU A 438 7.33 21.38 29.72
N ILE A 439 8.19 20.64 30.43
CA ILE A 439 9.10 21.22 31.40
C ILE A 439 10.50 20.69 31.11
N PRO A 440 11.51 21.55 30.96
CA PRO A 440 12.83 21.06 30.59
C PRO A 440 13.48 20.24 31.71
N ARG A 441 14.37 19.34 31.31
CA ARG A 441 15.04 18.46 32.26
C ARG A 441 15.87 19.25 33.25
N GLU A 442 16.27 20.46 32.91
CA GLU A 442 17.00 21.30 33.86
C GLU A 442 16.19 21.54 35.12
N LYS A 443 14.87 21.40 35.04
CA LYS A 443 13.98 21.68 36.15
C LYS A 443 13.11 20.48 36.56
N ALA A 444 13.09 19.40 35.78
CA ALA A 444 12.24 18.27 36.10
C ALA A 444 12.60 17.66 37.45
N ALA A 445 13.88 17.65 37.80
CA ALA A 445 14.29 17.04 39.07
C ALA A 445 13.60 17.71 40.25
N SER A 446 13.56 19.05 40.25
CA SER A 446 12.90 19.77 41.32
C SER A 446 11.37 19.73 41.17
N CYS A 447 10.88 19.75 39.94
CA CYS A 447 9.43 19.79 39.75
C CYS A 447 8.77 18.51 40.23
N LYS A 448 9.36 17.35 39.93
CA LYS A 448 8.80 16.10 40.42
C LYS A 448 8.84 16.05 41.94
N GLN A 449 9.95 16.51 42.53
CA GLN A 449 10.06 16.52 43.98
C GLN A 449 8.97 17.38 44.61
N TRP A 450 8.72 18.55 44.03
CA TRP A 450 7.66 19.41 44.56
C TRP A 450 6.29 18.77 44.36
N ILE A 451 6.06 18.12 43.21
CA ILE A 451 4.77 17.51 42.94
C ILE A 451 4.53 16.35 43.91
N ALA A 452 5.58 15.66 44.32
CA ALA A 452 5.40 14.53 45.23
C ALA A 452 4.73 14.93 46.53
N SER A 453 4.81 16.20 46.92
CA SER A 453 4.24 16.67 48.16
C SER A 453 2.81 17.17 48.02
N LEU A 454 2.24 17.12 46.82
CA LEU A 454 0.87 17.56 46.63
C LEU A 454 -0.12 16.56 47.23
N ASN A 455 -1.27 17.07 47.65
CA ASN A 455 -2.27 16.25 48.33
C ASN A 455 -3.31 15.77 47.34
N PRO A 456 -3.53 14.45 47.20
CA PRO A 456 -4.67 13.97 46.40
C PRO A 456 -5.96 14.21 47.14
N SER A 457 -6.80 15.08 46.60
CA SER A 457 -8.00 15.57 47.27
C SER A 457 -9.24 15.36 46.40
N GLY A 458 -9.36 14.15 45.86
CA GLY A 458 -10.56 13.83 45.08
C GLY A 458 -10.59 14.60 43.78
N ASP A 459 -11.79 15.02 43.39
CA ASP A 459 -12.02 15.74 42.14
C ASP A 459 -12.51 17.15 42.47
N LYS A 460 -11.78 18.15 41.97
CA LYS A 460 -12.19 19.55 42.09
C LYS A 460 -12.26 20.24 40.74
N LEU A 461 -12.39 19.47 39.65
CA LEU A 461 -12.40 20.00 38.30
C LEU A 461 -11.02 20.48 37.86
N THR A 462 -9.97 19.86 38.41
CA THR A 462 -8.60 20.17 38.01
C THR A 462 -7.65 19.10 38.51
N LYS A 463 -6.82 18.56 37.62
CA LYS A 463 -5.90 17.49 37.99
C LYS A 463 -4.58 17.66 37.23
N LEU A 464 -3.51 17.18 37.85
CA LEU A 464 -2.17 17.20 37.26
C LEU A 464 -1.62 15.78 37.28
N PHE A 465 -1.77 15.06 36.17
CA PHE A 465 -1.32 13.68 36.09
C PHE A 465 0.16 13.60 35.73
N TRP A 466 0.72 12.41 35.89
CA TRP A 466 2.07 12.10 35.44
C TRP A 466 2.26 10.59 35.48
N PHE A 467 2.84 10.05 34.42
CA PHE A 467 2.92 8.61 34.21
C PHE A 467 4.18 8.02 34.82
N GLU A 468 4.10 6.73 35.16
CA GLU A 468 5.23 5.94 35.63
C GLU A 468 5.05 4.51 35.16
N SER A 469 6.14 3.87 34.73
CA SER A 469 6.04 2.49 34.30
C SER A 469 7.43 1.91 34.06
N LEU A 470 7.51 0.59 34.18
CA LEU A 470 8.69 -0.19 33.85
C LEU A 470 8.27 -1.35 32.97
N THR A 471 9.18 -1.81 32.11
CA THR A 471 8.85 -2.79 31.10
C THR A 471 9.96 -3.82 30.97
N TYR A 472 9.58 -5.00 30.50
CA TYR A 472 10.53 -6.11 30.35
C TYR A 472 11.65 -5.73 29.39
N ARG A 473 11.32 -5.02 28.31
CA ARG A 473 12.33 -4.62 27.34
C ARG A 473 13.41 -3.74 27.98
N SER A 474 13.11 -3.12 29.12
CA SER A 474 14.06 -2.24 29.78
C SER A 474 14.91 -2.97 30.81
N LEU A 475 14.42 -4.07 31.37
CA LEU A 475 15.20 -4.81 32.36
C LEU A 475 16.45 -5.44 31.74
N GLN A 476 16.32 -5.95 30.51
CA GLN A 476 17.48 -6.50 29.84
C GLN A 476 18.53 -5.42 29.58
N LYS A 477 18.10 -4.23 29.18
CA LYS A 477 19.05 -3.12 29.06
C LYS A 477 19.68 -2.78 30.40
N LEU A 478 18.90 -2.85 31.47
CA LEU A 478 19.45 -2.55 32.79
C LEU A 478 20.54 -3.54 33.18
N CYS A 479 20.32 -4.82 32.93
CA CYS A 479 21.23 -5.86 33.42
C CYS A 479 22.34 -6.18 32.42
N PHE A 480 21.99 -6.65 31.23
CA PHE A 480 22.95 -7.13 30.25
C PHE A 480 23.19 -6.11 29.14
N GLY A 481 23.15 -4.83 29.44
CA GLY A 481 23.30 -3.78 28.45
C GLY A 481 24.66 -3.12 28.56
N PHE A 482 25.47 -3.24 27.50
CA PHE A 482 26.81 -2.69 27.46
C PHE A 482 27.69 -3.24 28.58
N THR A 483 27.51 -4.53 28.89
CA THR A 483 28.25 -5.12 30.00
C THR A 483 29.73 -5.28 29.69
N GLU A 484 30.08 -5.44 28.41
CA GLU A 484 31.47 -5.74 28.06
C GLU A 484 32.40 -4.61 28.50
N ASN A 485 31.99 -3.36 28.35
CA ASN A 485 32.82 -2.25 28.81
C ASN A 485 33.03 -2.28 30.31
N GLY A 486 32.15 -2.93 31.06
CA GLY A 486 32.29 -3.04 32.49
C GLY A 486 31.84 -1.84 33.29
N ASN A 487 31.33 -0.80 32.64
CA ASN A 487 30.86 0.39 33.33
C ASN A 487 29.37 0.33 33.67
N ASN A 488 28.71 -0.79 33.40
CA ASN A 488 27.31 -0.96 33.75
C ASN A 488 27.20 -1.18 35.26
N LYS A 489 26.99 -0.11 36.01
CA LYS A 489 27.01 -0.19 37.46
C LYS A 489 25.98 -1.16 38.01
N PHE A 490 24.92 -1.45 37.25
CA PHE A 490 23.95 -2.46 37.66
C PHE A 490 24.54 -3.86 37.64
N ASN A 491 25.72 -4.03 37.05
CA ASN A 491 26.44 -5.29 37.10
C ASN A 491 27.67 -5.26 38.00
N LYS A 492 27.95 -4.12 38.64
CA LYS A 492 28.90 -4.13 39.75
C LYS A 492 28.31 -4.79 40.97
N ASN A 493 26.98 -4.77 41.09
CA ASN A 493 26.24 -5.57 42.05
C ASN A 493 25.53 -6.70 41.30
N ILE A 494 24.75 -7.48 42.04
CA ILE A 494 23.81 -8.42 41.43
C ILE A 494 24.53 -9.59 40.76
N GLN A 495 25.85 -9.51 40.61
CA GLN A 495 26.56 -10.57 39.90
C GLN A 495 26.36 -11.92 40.58
N ASN A 496 26.19 -11.92 41.90
CA ASN A 496 25.98 -13.18 42.62
C ASN A 496 24.81 -13.96 42.04
N LEU A 497 23.78 -13.25 41.58
CA LEU A 497 22.62 -13.91 40.98
C LEU A 497 22.94 -14.59 39.67
N LEU A 498 24.07 -14.27 39.05
CA LEU A 498 24.42 -14.85 37.77
C LEU A 498 24.80 -16.32 37.94
N PRO A 499 24.76 -17.11 36.86
CA PRO A 499 25.12 -18.53 36.95
C PRO A 499 26.54 -18.75 37.46
N ILE A 507 31.26 -16.37 34.89
CA ILE A 507 30.32 -16.43 33.79
C ILE A 507 29.44 -15.19 33.79
N ASN A 508 29.20 -14.63 32.60
CA ASN A 508 28.42 -13.41 32.48
C ASN A 508 27.84 -13.34 31.07
N GLY A 509 26.88 -12.46 30.90
CA GLY A 509 26.24 -12.28 29.61
C GLY A 509 24.95 -13.05 29.48
N GLU A 510 24.02 -12.49 28.71
CA GLU A 510 22.71 -13.11 28.56
C GLU A 510 22.79 -14.50 27.95
N PHE A 511 23.85 -14.79 27.20
CA PHE A 511 23.98 -16.11 26.57
C PHE A 511 24.20 -17.22 27.58
N ALA A 512 24.47 -16.90 28.85
CA ALA A 512 24.74 -17.93 29.83
C ALA A 512 23.57 -18.87 30.00
N PHE A 513 22.34 -18.35 29.97
CA PHE A 513 21.16 -19.14 30.23
C PHE A 513 20.93 -20.23 29.20
N GLN A 514 21.61 -20.17 28.05
CA GLN A 514 21.54 -21.18 26.99
C GLN A 514 20.17 -21.19 26.31
N GLY A 515 19.23 -20.36 26.73
CA GLY A 515 17.89 -20.38 26.19
C GLY A 515 16.84 -21.02 27.07
N ASP A 516 17.17 -21.32 28.33
CA ASP A 516 16.20 -21.93 29.23
C ASP A 516 15.26 -20.88 29.78
N GLU A 517 13.98 -20.98 29.43
CA GLU A 517 13.01 -19.97 29.85
C GLU A 517 12.92 -19.91 31.37
N GLN A 518 12.86 -21.06 32.02
CA GLN A 518 12.60 -21.11 33.46
C GLN A 518 13.80 -20.70 34.30
N LYS A 519 15.00 -20.77 33.75
CA LYS A 519 16.14 -20.18 34.45
C LYS A 519 16.12 -18.66 34.35
N LYS A 520 15.77 -18.15 33.18
CA LYS A 520 15.67 -16.70 32.98
C LYS A 520 14.60 -16.11 33.88
N ILE A 521 13.44 -16.77 33.96
CA ILE A 521 12.36 -16.28 34.81
C ILE A 521 12.84 -16.18 36.25
N LYS A 522 13.48 -17.23 36.74
CA LYS A 522 13.90 -17.23 38.13
C LYS A 522 14.97 -16.18 38.38
N PHE A 523 15.90 -16.01 37.43
CA PHE A 523 16.93 -15.00 37.61
C PHE A 523 16.31 -13.61 37.69
N TYR A 524 15.34 -13.32 36.84
CA TYR A 524 14.70 -12.01 36.88
C TYR A 524 13.91 -11.82 38.17
N GLN A 525 13.21 -12.87 38.61
CA GLN A 525 12.50 -12.77 39.88
C GLN A 525 13.46 -12.49 41.03
N SER A 526 14.63 -13.14 41.01
CA SER A 526 15.64 -12.87 42.03
C SER A 526 16.18 -11.46 41.91
N VAL A 527 16.34 -10.95 40.69
CA VAL A 527 16.81 -9.58 40.51
C VAL A 527 15.84 -8.62 41.19
N LEU A 528 14.54 -8.82 40.97
CA LEU A 528 13.56 -8.01 41.68
C LEU A 528 13.58 -8.30 43.18
N GLU A 529 14.04 -9.49 43.56
CA GLU A 529 14.10 -9.90 44.95
C GLU A 529 15.35 -9.40 45.66
N SER A 530 16.35 -8.94 44.93
CA SER A 530 17.57 -8.45 45.54
C SER A 530 17.29 -7.20 46.37
N LYS A 531 18.07 -7.02 47.43
CA LYS A 531 17.93 -5.81 48.24
C LYS A 531 18.31 -4.58 47.45
N TYR A 532 19.35 -4.68 46.61
CA TYR A 532 19.81 -3.53 45.86
C TYR A 532 18.74 -3.03 44.90
N ALA A 533 18.20 -3.93 44.07
CA ALA A 533 17.26 -3.51 43.04
C ALA A 533 16.12 -2.70 43.62
N GLN A 534 15.58 -3.13 44.76
CA GLN A 534 14.46 -2.44 45.37
C GLN A 534 14.87 -1.10 45.98
N SER A 535 16.16 -0.79 46.05
CA SER A 535 16.61 0.47 46.60
C SER A 535 16.74 1.57 45.55
N VAL A 536 16.66 1.25 44.26
CA VAL A 536 16.82 2.25 43.21
C VAL A 536 15.63 2.23 42.27
N LEU A 537 14.95 1.10 42.15
CA LEU A 537 13.76 1.03 41.33
C LEU A 537 12.59 1.70 42.05
N ASN A 538 11.50 1.91 41.32
CA ASN A 538 10.31 2.58 41.82
C ASN A 538 9.05 1.83 41.45
N ILE A 539 9.06 0.51 41.67
CA ILE A 539 7.90 -0.31 41.35
C ILE A 539 7.03 -0.45 42.59
N PRO A 540 5.74 -0.80 42.46
CA PRO A 540 4.88 -0.96 43.65
C PRO A 540 5.20 -2.22 44.42
N ILE A 541 6.18 -2.11 45.32
CA ILE A 541 6.78 -3.30 45.93
C ILE A 541 5.72 -4.27 46.45
N GLN A 542 4.64 -3.74 47.04
CA GLN A 542 3.65 -4.62 47.66
C GLN A 542 3.01 -5.55 46.63
N GLN A 543 2.47 -4.98 45.55
CA GLN A 543 1.74 -5.80 44.59
C GLN A 543 2.68 -6.68 43.78
N VAL A 544 3.88 -6.19 43.46
CA VAL A 544 4.85 -7.04 42.77
C VAL A 544 5.24 -8.22 43.65
N GLN A 545 5.50 -7.97 44.93
CA GLN A 545 5.87 -9.05 45.84
C GLN A 545 4.74 -10.05 45.98
N ALA A 546 3.51 -9.57 46.10
CA ALA A 546 2.38 -10.46 46.31
C ALA A 546 1.86 -11.09 45.02
N ASP A 547 2.36 -10.67 43.85
CA ASP A 547 1.80 -11.12 42.58
C ASP A 547 2.84 -11.49 41.52
N ILE A 548 4.13 -11.29 41.77
CA ILE A 548 5.15 -11.65 40.78
C ILE A 548 6.18 -12.58 41.40
N ILE A 549 6.82 -12.14 42.47
CA ILE A 549 7.93 -12.91 43.04
C ILE A 549 7.43 -14.26 43.56
N ASN A 550 6.29 -14.25 44.25
CA ASN A 550 5.77 -15.46 44.86
C ASN A 550 5.06 -16.38 43.86
N GLN A 551 4.75 -15.90 42.67
CA GLN A 551 3.97 -16.67 41.72
C GLN A 551 4.88 -17.59 40.91
N SER A 552 4.28 -18.32 39.96
CA SER A 552 5.01 -19.13 39.00
C SER A 552 4.31 -19.00 37.66
N PHE A 553 5.10 -18.79 36.60
CA PHE A 553 4.58 -18.49 35.27
C PHE A 553 4.89 -19.64 34.33
N ALA A 554 3.95 -19.93 33.42
CA ALA A 554 4.12 -21.05 32.50
C ALA A 554 5.12 -20.71 31.41
N SER A 555 5.12 -19.46 30.93
CA SER A 555 5.99 -19.05 29.84
C SER A 555 6.39 -17.61 30.03
N LEU A 556 7.45 -17.21 29.33
CA LEU A 556 7.98 -15.86 29.46
C LEU A 556 6.98 -14.80 29.00
N ASP A 557 6.08 -15.16 28.08
CA ASP A 557 5.07 -14.20 27.65
C ASP A 557 4.25 -13.71 28.84
N ASP A 558 3.83 -14.63 29.70
CA ASP A 558 3.04 -14.22 30.85
C ASP A 558 3.86 -13.39 31.83
N PHE A 559 5.16 -13.69 31.96
CA PHE A 559 5.99 -12.87 32.83
C PHE A 559 6.04 -11.43 32.32
N GLN A 560 6.26 -11.25 31.02
CA GLN A 560 6.25 -9.92 30.45
C GLN A 560 4.91 -9.24 30.66
N ILE A 561 3.83 -9.97 30.40
CA ILE A 561 2.49 -9.39 30.51
C ILE A 561 2.24 -8.94 31.93
N ALA A 562 2.56 -9.78 32.92
CA ALA A 562 2.32 -9.41 34.31
C ALA A 562 3.16 -8.22 34.73
N LEU A 563 4.45 -8.22 34.36
CA LEU A 563 5.30 -7.10 34.73
C LEU A 563 4.75 -5.79 34.18
N GLU A 564 4.47 -5.75 32.87
CA GLU A 564 3.96 -4.52 32.28
C GLU A 564 2.61 -4.15 32.87
N LYS A 565 1.74 -5.13 33.09
CA LYS A 565 0.40 -4.87 33.58
C LYS A 565 0.44 -4.24 34.97
N ILE A 566 1.32 -4.73 35.84
CA ILE A 566 1.36 -4.28 37.22
C ILE A 566 2.23 -3.04 37.42
N CYS A 567 3.15 -2.75 36.49
CA CYS A 567 4.04 -1.61 36.68
C CYS A 567 3.53 -0.33 36.01
N TYR A 568 2.44 -0.38 35.24
CA TYR A 568 1.92 0.81 34.57
C TYR A 568 0.94 1.52 35.49
N ARG A 569 1.22 2.77 35.82
CA ARG A 569 0.43 3.55 36.76
C ARG A 569 0.10 4.92 36.18
N LEU A 570 -1.06 5.43 36.55
CA LEU A 570 -1.48 6.79 36.24
C LEU A 570 -1.80 7.48 37.55
N PHE A 571 -0.93 8.38 37.98
CA PHE A 571 -1.13 9.08 39.23
C PHE A 571 -2.19 10.18 39.06
N ALA A 572 -2.46 10.89 40.14
CA ALA A 572 -3.42 11.99 40.10
C ALA A 572 -3.26 12.83 41.36
N VAL A 573 -3.03 14.13 41.18
CA VAL A 573 -2.98 15.07 42.28
C VAL A 573 -3.79 16.30 41.89
N VAL A 574 -4.20 17.07 42.90
CA VAL A 574 -5.00 18.26 42.68
C VAL A 574 -4.66 19.28 43.75
N GLU A 575 -4.58 20.54 43.34
CA GLU A 575 -4.36 21.64 44.27
C GLU A 575 -4.96 22.89 43.66
N ALA A 576 -5.30 23.85 44.52
CA ALA A 576 -5.86 25.11 44.06
C ALA A 576 -4.92 25.80 43.09
N ASN A 577 -5.49 26.35 42.02
CA ASN A 577 -4.78 27.15 41.04
C ASN A 577 -3.37 26.62 40.77
N ILE A 578 -3.29 25.33 40.47
CA ILE A 578 -1.99 24.72 40.17
C ILE A 578 -1.72 24.90 38.68
N GLU A 579 -1.36 26.12 38.27
CA GLU A 579 -0.81 26.36 36.96
C GLU A 579 0.40 27.29 37.05
N ALA A 580 0.31 28.28 37.94
CA ALA A 580 1.27 29.38 37.92
C ALA A 580 2.62 28.96 38.48
N GLU A 581 2.62 28.06 39.45
CA GLU A 581 3.88 27.62 40.04
C GLU A 581 4.80 27.04 38.98
N LEU A 582 4.24 26.29 38.02
CA LEU A 582 5.06 25.74 36.94
C LEU A 582 5.70 26.87 36.13
N LEU A 583 4.89 27.81 35.64
CA LEU A 583 5.42 28.88 34.81
C LEU A 583 6.49 29.68 35.56
N LYS A 584 6.31 29.86 36.86
CA LYS A 584 7.26 30.66 37.63
C LYS A 584 8.54 29.88 37.89
N ASN A 585 8.44 28.74 38.56
CA ASN A 585 9.62 28.03 39.05
C ASN A 585 10.35 27.28 37.95
N ASP A 586 9.63 26.70 36.98
CA ASP A 586 10.22 25.76 36.04
C ASP A 586 10.16 26.20 34.59
N LYS A 587 9.62 27.37 34.28
CA LYS A 587 9.54 27.86 32.91
C LYS A 587 8.86 26.84 32.01
N ALA A 588 7.71 26.36 32.46
CA ALA A 588 6.97 25.35 31.72
C ALA A 588 6.27 25.97 30.52
N GLN A 589 6.47 25.37 29.34
CA GLN A 589 5.72 25.76 28.16
C GLN A 589 4.39 25.04 28.17
N ILE A 590 3.35 25.70 27.68
CA ILE A 590 1.99 25.18 27.80
C ILE A 590 1.27 25.28 26.46
N PHE A 591 0.57 24.20 26.12
CA PHE A 591 -0.27 24.14 24.93
C PHE A 591 -1.65 23.63 25.32
N ASN A 592 -2.62 23.85 24.44
CA ASN A 592 -3.95 23.27 24.58
C ASN A 592 -4.13 22.22 23.51
N ILE A 593 -4.51 21.01 23.92
CA ILE A 593 -4.77 19.91 23.00
C ILE A 593 -6.20 20.06 22.50
N THR A 594 -6.37 20.05 21.18
CA THR A 594 -7.69 20.28 20.60
C THR A 594 -7.81 19.52 19.29
N SER A 595 -9.03 19.52 18.76
CA SER A 595 -9.37 18.91 17.48
C SER A 595 -10.83 19.20 17.21
N SER A 596 -11.25 19.00 15.97
CA SER A 596 -12.62 19.36 15.58
C SER A 596 -13.64 18.59 16.40
N ASP A 597 -13.44 17.28 16.55
CA ASP A 597 -14.39 16.46 17.28
C ASP A 597 -14.40 16.72 18.78
N LEU A 598 -13.38 17.41 19.29
CA LEU A 598 -13.28 17.72 20.71
C LEU A 598 -13.95 19.03 21.07
N ARG A 599 -14.65 19.66 20.13
CA ARG A 599 -15.28 20.96 20.36
C ARG A 599 -16.71 21.06 19.86
N LYS A 600 -17.27 20.01 19.28
CA LYS A 600 -18.60 20.11 18.69
C LYS A 600 -19.69 19.81 19.72
N GLU A 601 -20.88 20.34 19.44
CA GLU A 601 -22.00 20.23 20.37
C GLU A 601 -22.43 18.79 20.60
N ALA A 602 -22.92 18.13 19.56
CA ALA A 602 -23.49 16.79 19.71
C ALA A 602 -22.40 15.73 19.69
N LYS A 603 -22.67 14.64 20.40
CA LYS A 603 -21.76 13.49 20.42
C LYS A 603 -22.53 12.24 19.98
N ASP A 604 -21.90 11.08 20.09
CA ASP A 604 -22.32 9.75 19.63
C ASP A 604 -22.03 9.58 18.14
N LYS A 605 -21.47 10.59 17.48
CA LYS A 605 -21.01 10.49 16.10
C LYS A 605 -19.64 11.16 16.07
N ILE A 606 -18.58 10.36 16.21
CA ILE A 606 -17.23 10.89 16.41
C ILE A 606 -16.24 9.96 15.72
N LYS A 607 -15.18 10.53 15.17
CA LYS A 607 -14.20 9.75 14.44
C LYS A 607 -13.47 8.78 15.37
N SER A 608 -13.09 7.63 14.82
CA SER A 608 -12.57 6.55 15.65
C SER A 608 -11.28 6.95 16.37
N HIS A 609 -10.38 7.64 15.66
CA HIS A 609 -9.14 8.06 16.28
C HIS A 609 -9.38 9.03 17.43
N THR A 610 -10.52 9.71 17.45
CA THR A 610 -10.95 10.43 18.63
C THR A 610 -11.73 9.57 19.60
N GLN A 611 -12.35 8.49 19.11
CA GLN A 611 -13.01 7.53 19.98
C GLN A 611 -12.01 6.91 20.96
N ILE A 612 -10.82 6.55 20.48
CA ILE A 612 -9.82 5.93 21.36
C ILE A 612 -9.38 6.91 22.43
N TRP A 613 -9.06 8.15 22.05
CA TRP A 613 -8.61 9.12 23.04
C TRP A 613 -9.71 9.42 24.05
N LYS A 614 -10.97 9.47 23.60
CA LYS A 614 -12.06 9.61 24.55
C LYS A 614 -12.13 8.42 25.50
N ALA A 615 -11.88 7.22 24.97
CA ALA A 615 -11.99 6.01 25.78
C ALA A 615 -10.80 5.77 26.70
N PHE A 616 -9.70 6.49 26.51
CA PHE A 616 -8.53 6.23 27.35
C PHE A 616 -8.76 6.71 28.78
N TRP A 617 -9.38 7.87 28.97
CA TRP A 617 -9.51 8.46 30.29
C TRP A 617 -10.71 7.94 31.06
N THR A 618 -11.53 7.06 30.49
CA THR A 618 -12.73 6.62 31.17
C THR A 618 -12.38 5.93 32.48
N SER A 619 -13.25 6.09 33.47
CA SER A 619 -13.00 5.50 34.79
C SER A 619 -12.88 3.98 34.68
N GLU A 620 -13.79 3.35 33.95
CA GLU A 620 -13.76 1.90 33.81
C GLU A 620 -12.40 1.41 33.31
N ASN A 621 -11.75 2.16 32.43
CA ASN A 621 -10.47 1.71 31.89
C ASN A 621 -9.40 1.59 32.95
N LYS A 622 -9.52 2.34 34.05
CA LYS A 622 -8.56 2.21 35.13
C LYS A 622 -8.72 0.90 35.91
N GLN A 623 -9.82 0.18 35.71
CA GLN A 623 -10.06 -1.08 36.40
C GLN A 623 -9.81 -2.29 35.52
N ASN A 624 -9.36 -2.09 34.29
CA ASN A 624 -8.87 -3.17 33.45
C ASN A 624 -7.35 -3.21 33.39
N ASN A 625 -6.68 -2.45 34.25
CA ASN A 625 -5.23 -2.31 34.21
C ASN A 625 -4.78 -1.72 32.88
N PHE A 626 -5.48 -0.70 32.42
CA PHE A 626 -5.08 0.08 31.25
C PHE A 626 -4.87 -0.83 30.03
N GLU A 627 -5.98 -1.42 29.58
CA GLU A 627 -5.95 -2.16 28.32
C GLU A 627 -5.53 -1.27 27.16
N THR A 628 -6.07 -0.05 27.12
CA THR A 628 -5.67 0.94 26.12
C THR A 628 -4.56 1.79 26.70
N ARG A 629 -3.38 1.72 26.09
CA ARG A 629 -2.16 2.28 26.66
C ARG A 629 -1.66 3.42 25.80
N LEU A 630 -1.21 4.50 26.45
CA LEU A 630 -0.59 5.63 25.79
C LEU A 630 0.91 5.58 26.07
N ASN A 631 1.69 5.23 25.04
CA ASN A 631 3.10 4.97 25.24
C ASN A 631 3.84 6.26 25.61
N PRO A 632 5.04 6.13 26.20
CA PRO A 632 5.65 7.27 26.89
C PRO A 632 6.50 8.20 26.03
N GLU A 633 6.36 8.18 24.71
CA GLU A 633 7.07 9.13 23.85
C GLU A 633 6.12 9.76 22.84
N ILE A 634 6.28 11.06 22.63
CA ILE A 634 5.39 11.87 21.80
C ILE A 634 6.23 12.94 21.10
N THR A 635 5.66 13.56 20.06
CA THR A 635 6.40 14.60 19.36
C THR A 635 5.45 15.70 18.88
N ILE A 636 6.05 16.85 18.53
CA ILE A 636 5.33 18.03 18.09
C ILE A 636 5.96 18.53 16.80
N THR A 637 5.12 18.97 15.85
CA THR A 637 5.58 19.47 14.57
C THR A 637 4.91 20.80 14.26
N TYR A 638 5.59 21.59 13.43
CA TYR A 638 5.11 22.91 13.03
C TYR A 638 5.10 23.00 11.52
N ARG A 639 3.96 23.42 10.96
CA ARG A 639 3.78 23.47 9.51
C ARG A 639 3.47 24.89 9.08
N GLN A 640 4.19 25.35 8.06
CA GLN A 640 3.99 26.68 7.51
C GLN A 640 2.71 26.71 6.67
N PRO A 641 2.17 27.89 6.41
CA PRO A 641 1.04 28.00 5.49
C PRO A 641 1.47 27.81 4.04
N LYS A 642 0.52 27.41 3.21
CA LYS A 642 0.75 27.24 1.79
C LYS A 642 0.64 28.59 1.09
N GLN A 643 1.74 29.05 0.49
CA GLN A 643 1.70 30.31 -0.23
C GLN A 643 0.76 30.25 -1.41
N SER A 644 0.64 29.08 -2.06
CA SER A 644 -0.30 28.93 -3.16
C SER A 644 -1.74 29.15 -2.71
N LYS A 645 -2.02 29.02 -1.41
CA LYS A 645 -3.35 29.28 -0.88
C LYS A 645 -3.50 30.73 -0.40
N ILE A 646 -2.43 31.29 0.17
CA ILE A 646 -2.51 32.67 0.65
C ILE A 646 -2.76 33.63 -0.51
N ASP A 647 -1.97 33.50 -1.58
CA ASP A 647 -2.04 34.46 -2.67
C ASP A 647 -3.43 34.47 -3.30
N LYS A 648 -4.00 33.29 -3.57
CA LYS A 648 -5.30 33.23 -4.20
C LYS A 648 -6.41 33.64 -3.25
N TYR A 649 -6.23 33.40 -1.95
CA TYR A 649 -7.18 33.84 -0.94
C TYR A 649 -6.57 34.95 -0.08
N LYS A 655 -14.87 31.54 5.23
CA LYS A 655 -13.84 30.84 4.48
C LYS A 655 -12.74 30.34 5.40
N ASN A 656 -13.10 29.45 6.31
CA ASN A 656 -12.12 28.86 7.22
C ASN A 656 -11.26 27.85 6.47
N ASN A 657 -9.98 27.75 6.86
CA ASN A 657 -9.06 26.89 6.14
C ASN A 657 -7.88 26.51 7.05
N ARG A 658 -7.42 25.27 6.91
CA ARG A 658 -6.22 24.84 7.64
C ARG A 658 -4.97 25.50 7.08
N TYR A 659 -4.82 25.48 5.76
CA TYR A 659 -3.57 25.83 5.12
C TYR A 659 -3.33 27.32 5.06
N LEU A 660 -4.31 28.14 5.44
CA LEU A 660 -4.15 29.58 5.36
C LEU A 660 -3.35 30.15 6.53
N HIS A 661 -2.92 29.33 7.47
CA HIS A 661 -2.11 29.79 8.59
C HIS A 661 -1.38 28.60 9.19
N ALA A 662 -0.25 28.89 9.84
CA ALA A 662 0.62 27.83 10.35
C ALA A 662 -0.13 26.96 11.35
N GLN A 663 0.46 25.82 11.68
CA GLN A 663 -0.19 24.88 12.59
C GLN A 663 0.83 24.15 13.46
N TYR A 664 0.41 23.84 14.69
CA TYR A 664 1.12 22.95 15.60
C TYR A 664 0.37 21.63 15.71
N THR A 665 1.05 20.53 15.39
CA THR A 665 0.45 19.21 15.43
C THR A 665 1.16 18.35 16.45
N LEU A 666 0.39 17.52 17.14
CA LEU A 666 0.91 16.59 18.13
C LEU A 666 0.74 15.16 17.61
N ILE A 667 1.83 14.40 17.58
CA ILE A 667 1.82 13.02 17.14
C ILE A 667 2.08 12.15 18.36
N THR A 668 1.15 11.23 18.63
CA THR A 668 1.24 10.29 19.74
C THR A 668 1.03 8.88 19.21
N THR A 669 1.53 7.90 19.95
CA THR A 669 1.38 6.49 19.60
C THR A 669 0.65 5.78 20.73
N ILE A 670 -0.39 5.03 20.36
CA ILE A 670 -1.26 4.37 21.33
C ILE A 670 -1.31 2.88 21.01
N SER A 671 -1.24 2.06 22.05
CA SER A 671 -1.17 0.60 21.92
C SER A 671 -2.47 0.01 22.47
N GLU A 672 -3.26 -0.58 21.57
CA GLU A 672 -4.45 -1.30 21.99
C GLU A 672 -4.12 -2.76 22.30
N HIS A 673 -4.92 -3.35 23.19
CA HIS A 673 -4.75 -4.74 23.60
C HIS A 673 -3.44 -4.95 24.35
N SER A 674 -3.20 -4.10 25.34
CA SER A 674 -1.92 -4.12 26.03
C SER A 674 -1.72 -5.36 26.88
N ASN A 675 -2.76 -6.17 27.10
CA ASN A 675 -2.67 -7.33 27.97
C ASN A 675 -2.71 -8.64 27.19
N SER A 676 -2.35 -8.62 25.92
CA SER A 676 -2.24 -9.79 25.08
C SER A 676 -0.79 -9.99 24.65
N PRO A 677 -0.46 -11.13 24.06
CA PRO A 677 0.94 -11.37 23.67
C PRO A 677 1.42 -10.30 22.71
N THR A 678 2.71 -9.97 22.83
CA THR A 678 3.34 -9.02 21.93
C THR A 678 3.96 -9.75 20.75
N LYS A 679 4.21 -9.00 19.68
CA LYS A 679 4.82 -9.56 18.48
C LYS A 679 5.60 -8.48 17.75
N ILE A 680 6.89 -8.71 17.54
CA ILE A 680 7.76 -7.79 16.83
C ILE A 680 8.53 -8.57 15.78
N LEU A 681 9.02 -7.84 14.76
CA LEU A 681 9.58 -8.48 13.58
C LEU A 681 10.97 -8.01 13.20
N SER A 682 11.55 -7.07 13.92
CA SER A 682 12.84 -6.51 13.52
C SER A 682 13.88 -7.61 13.38
N PHE A 683 14.61 -7.60 12.27
CA PHE A 683 15.77 -8.44 12.01
C PHE A 683 15.45 -9.92 11.88
N MET A 684 14.20 -10.31 11.72
CA MET A 684 13.91 -11.70 11.44
C MET A 684 14.43 -12.08 10.07
N SER A 685 14.97 -13.30 9.97
CA SER A 685 15.37 -13.83 8.68
C SER A 685 14.15 -14.11 7.83
N ASP A 686 14.34 -14.10 6.51
CA ASP A 686 13.23 -14.32 5.59
C ASP A 686 12.57 -15.67 5.83
N ASP A 687 13.34 -16.67 6.28
CA ASP A 687 12.78 -18.00 6.51
C ASP A 687 12.08 -18.11 7.86
N GLU A 688 12.20 -17.11 8.73
CA GLU A 688 11.47 -17.15 9.99
C GLU A 688 10.07 -16.57 9.87
N PHE A 689 9.87 -15.63 8.94
CA PHE A 689 8.54 -15.07 8.74
C PHE A 689 7.55 -16.13 8.27
N LYS A 690 7.98 -17.00 7.36
CA LYS A 690 7.08 -18.05 6.88
C LYS A 690 6.70 -18.99 8.01
N SER A 691 7.66 -19.35 8.86
CA SER A 691 7.35 -20.19 10.01
C SER A 691 6.39 -19.48 10.95
N SER A 692 6.58 -18.17 11.16
CA SER A 692 5.66 -17.40 11.97
C SER A 692 4.24 -17.46 11.43
N VAL A 693 4.10 -17.28 10.12
CA VAL A 693 2.76 -17.34 9.50
C VAL A 693 2.18 -18.72 9.70
N ASP A 694 2.97 -19.77 9.47
CA ASP A 694 2.45 -21.12 9.59
C ASP A 694 1.99 -21.41 11.00
N THR A 695 2.76 -20.97 12.00
CA THR A 695 2.36 -21.18 13.39
C THR A 695 1.09 -20.41 13.72
N PHE A 696 1.03 -19.13 13.35
CA PHE A 696 -0.14 -18.32 13.65
C PHE A 696 -1.39 -18.88 12.99
N ASN A 697 -1.25 -19.58 11.87
CA ASN A 697 -2.41 -20.18 11.23
C ASN A 697 -3.03 -21.30 12.03
N LYS A 698 -2.36 -21.79 13.08
CA LYS A 698 -2.89 -22.93 13.84
C LYS A 698 -4.06 -22.56 14.74
N LYS A 699 -4.27 -21.26 15.01
CA LYS A 699 -5.33 -20.88 15.93
C LYS A 699 -6.70 -21.32 15.43
N PHE A 700 -6.94 -21.19 14.13
CA PHE A 700 -8.26 -21.49 13.57
C PHE A 700 -8.57 -22.98 13.71
N LYS A 701 -9.87 -23.28 13.84
CA LYS A 701 -10.34 -24.64 14.00
C LYS A 701 -11.39 -24.96 12.95
N LYS A 702 -11.51 -26.25 12.64
CA LYS A 702 -12.33 -26.66 11.50
C LYS A 702 -13.77 -26.22 11.66
N ASP A 703 -14.36 -26.46 12.84
CA ASP A 703 -15.76 -26.15 13.07
C ASP A 703 -15.98 -24.73 13.57
N GLU A 704 -14.92 -23.94 13.69
CA GLU A 704 -15.08 -22.56 14.13
C GLU A 704 -15.67 -21.69 13.02
N ILE A 705 -15.21 -21.88 11.78
CA ILE A 705 -15.65 -21.05 10.68
C ILE A 705 -17.09 -21.38 10.33
N LYS A 706 -17.83 -20.38 9.85
CA LYS A 706 -19.24 -20.54 9.52
C LYS A 706 -19.64 -19.99 8.16
N PHE A 707 -18.79 -19.20 7.50
CA PHE A 707 -19.15 -18.61 6.21
C PHE A 707 -17.88 -18.15 5.52
N ALA A 708 -18.04 -17.61 4.31
CA ALA A 708 -16.89 -17.09 3.58
C ALA A 708 -17.35 -16.03 2.59
N PHE A 709 -16.44 -15.09 2.32
CA PHE A 709 -16.64 -14.03 1.34
C PHE A 709 -15.72 -14.27 0.14
N GLY A 710 -16.29 -14.28 -1.05
CA GLY A 710 -15.53 -14.38 -2.28
C GLY A 710 -15.50 -13.04 -2.99
N ILE A 711 -14.33 -12.68 -3.51
CA ILE A 711 -14.13 -11.41 -4.19
C ILE A 711 -13.54 -11.67 -5.57
N ASP A 712 -14.15 -11.08 -6.60
CA ASP A 712 -13.73 -11.23 -7.98
C ASP A 712 -13.22 -9.90 -8.51
N ASN A 713 -12.16 -9.94 -9.31
CA ASN A 713 -11.48 -8.74 -9.79
C ASN A 713 -11.50 -8.74 -11.32
N GLY A 714 -12.42 -7.95 -11.89
CA GLY A 714 -12.51 -7.76 -13.32
C GLY A 714 -11.98 -6.41 -13.76
N GLU A 715 -12.41 -5.98 -14.94
CA GLU A 715 -12.04 -4.68 -15.48
C GLU A 715 -13.21 -3.86 -15.97
N VAL A 716 -14.40 -4.44 -16.15
CA VAL A 716 -15.60 -3.64 -16.33
C VAL A 716 -16.22 -3.31 -14.98
N GLU A 717 -16.24 -4.28 -14.08
CA GLU A 717 -16.57 -4.07 -12.68
C GLU A 717 -15.28 -4.28 -11.89
N LEU A 718 -14.76 -3.20 -11.30
CA LEU A 718 -13.44 -3.29 -10.68
C LEU A 718 -13.39 -4.33 -9.59
N SER A 719 -14.52 -4.75 -9.03
CA SER A 719 -14.55 -5.84 -8.08
C SER A 719 -16.00 -6.22 -7.79
N THR A 720 -16.17 -7.44 -7.29
CA THR A 720 -17.50 -7.97 -6.99
C THR A 720 -17.41 -8.86 -5.77
N LEU A 721 -18.48 -8.86 -4.97
CA LEU A 721 -18.52 -9.55 -3.69
C LEU A 721 -19.63 -10.60 -3.68
N GLY A 722 -19.38 -11.69 -2.96
CA GLY A 722 -20.42 -12.69 -2.76
C GLY A 722 -20.18 -13.44 -1.48
N VAL A 723 -21.24 -14.06 -0.96
CA VAL A 723 -21.20 -14.71 0.33
C VAL A 723 -21.62 -16.17 0.18
N TYR A 724 -20.92 -17.07 0.88
CA TYR A 724 -21.24 -18.49 0.85
C TYR A 724 -21.34 -19.03 2.27
N PHE A 725 -22.32 -19.91 2.48
CA PHE A 725 -22.58 -20.61 3.73
C PHE A 725 -22.61 -22.11 3.48
N PRO A 726 -22.33 -22.92 4.50
CA PRO A 726 -22.40 -24.38 4.30
C PRO A 726 -23.82 -24.91 4.16
N ALA A 727 -24.83 -24.14 4.55
CA ALA A 727 -26.21 -24.59 4.45
C ALA A 727 -26.70 -24.69 3.01
N PHE A 728 -25.99 -24.08 2.05
CA PHE A 728 -26.42 -24.14 0.67
C PHE A 728 -26.25 -25.53 0.06
N ASP A 729 -25.43 -26.39 0.67
CA ASP A 729 -25.06 -27.65 0.05
C ASP A 729 -25.96 -28.77 0.58
N LYS A 730 -27.08 -28.96 -0.09
CA LYS A 730 -27.91 -30.11 0.17
C LYS A 730 -27.52 -31.27 -0.76
N THR A 731 -28.22 -32.39 -0.60
CA THR A 731 -27.87 -33.59 -1.35
C THR A 731 -28.36 -33.52 -2.79
N THR A 732 -29.67 -33.36 -2.97
CA THR A 732 -30.25 -33.34 -4.30
C THR A 732 -30.28 -31.93 -4.87
N TYR A 733 -30.26 -31.84 -6.20
CA TYR A 733 -30.31 -30.54 -6.86
C TYR A 733 -31.61 -29.82 -6.54
N LYS A 734 -32.72 -30.56 -6.48
CA LYS A 734 -34.00 -29.95 -6.13
C LYS A 734 -33.92 -29.24 -4.79
N GLU A 735 -33.11 -29.77 -3.86
CA GLU A 735 -32.92 -29.12 -2.59
C GLU A 735 -31.98 -27.91 -2.69
N LYS A 736 -30.94 -28.02 -3.52
CA LYS A 736 -30.01 -26.90 -3.66
C LYS A 736 -30.70 -25.67 -4.23
N VAL A 737 -31.52 -25.85 -5.27
CA VAL A 737 -32.17 -24.71 -5.88
C VAL A 737 -33.10 -24.02 -4.88
N ALA A 738 -33.89 -24.80 -4.14
CA ALA A 738 -34.79 -24.21 -3.15
C ALA A 738 -34.00 -23.51 -2.05
N GLU A 739 -32.92 -24.12 -1.59
CA GLU A 739 -32.12 -23.49 -0.54
C GLU A 739 -31.57 -22.16 -1.00
N LEU A 740 -31.07 -22.09 -2.23
CA LEU A 740 -30.60 -20.81 -2.76
C LEU A 740 -31.74 -19.81 -2.85
N GLU A 741 -32.92 -20.27 -3.25
CA GLU A 741 -34.03 -19.35 -3.53
C GLU A 741 -34.44 -18.54 -2.30
N LYS A 742 -34.12 -19.00 -1.09
CA LYS A 742 -34.53 -18.31 0.13
C LYS A 742 -33.65 -17.08 0.38
N VAL A 743 -33.67 -16.17 -0.60
CA VAL A 743 -32.87 -14.95 -0.49
C VAL A 743 -33.30 -14.09 0.69
N ASN A 744 -34.56 -14.19 1.09
CA ASN A 744 -35.07 -13.31 2.14
C ASN A 744 -34.40 -13.56 3.49
N ASP A 745 -33.80 -14.72 3.70
CA ASP A 745 -33.22 -15.07 4.99
C ASP A 745 -31.70 -15.14 4.99
N TYR A 746 -31.07 -15.09 3.82
CA TYR A 746 -29.62 -15.18 3.71
C TYR A 746 -28.98 -13.87 3.23
N GLY A 747 -29.41 -13.37 2.08
CA GLY A 747 -28.80 -12.19 1.52
C GLY A 747 -28.91 -10.98 2.43
N PHE A 748 -28.29 -9.89 1.97
CA PHE A 748 -28.28 -8.63 2.71
C PHE A 748 -29.07 -7.58 1.94
N GLU A 749 -29.47 -6.53 2.67
CA GLU A 749 -30.39 -5.52 2.17
C GLU A 749 -29.62 -4.30 1.70
N VAL A 750 -29.92 -3.83 0.49
CA VAL A 750 -29.23 -2.70 -0.11
C VAL A 750 -30.25 -1.73 -0.70
N LEU A 751 -29.87 -0.45 -0.68
CA LEU A 751 -30.65 0.63 -1.27
C LEU A 751 -30.04 1.03 -2.61
N THR A 752 -30.90 1.37 -3.56
CA THR A 752 -30.50 1.81 -4.89
C THR A 752 -31.19 3.13 -5.18
N ILE A 753 -30.42 4.11 -5.65
CA ILE A 753 -31.00 5.40 -6.02
C ILE A 753 -31.77 5.23 -7.31
N ARG A 754 -32.95 5.85 -7.38
CA ARG A 754 -33.86 5.63 -8.50
C ARG A 754 -33.72 6.69 -9.59
N ASN A 755 -33.39 7.93 -9.23
CA ASN A 755 -33.20 8.99 -10.21
C ASN A 755 -31.99 9.82 -9.80
N LEU A 756 -30.93 9.73 -10.58
CA LEU A 756 -29.65 10.34 -10.20
C LEU A 756 -29.60 11.83 -10.49
N ASN A 757 -30.53 12.36 -11.29
CA ASN A 757 -30.57 13.78 -11.59
C ASN A 757 -31.40 14.59 -10.62
N TYR A 758 -32.06 13.93 -9.67
CA TYR A 758 -32.97 14.65 -8.78
C TYR A 758 -32.22 15.73 -8.01
N LYS A 759 -32.84 16.90 -7.90
CA LYS A 759 -32.25 18.02 -7.18
C LYS A 759 -33.33 18.71 -6.34
N GLU A 760 -32.87 19.52 -5.41
CA GLU A 760 -33.75 20.19 -4.47
C GLU A 760 -33.06 21.44 -3.96
N THR A 761 -33.85 22.46 -3.63
CA THR A 761 -33.34 23.75 -3.19
C THR A 761 -33.53 23.90 -1.69
N ASP A 762 -32.47 24.29 -0.99
CA ASP A 762 -32.53 24.47 0.45
C ASP A 762 -33.01 25.88 0.76
N TYR A 763 -32.97 26.26 2.04
CA TYR A 763 -33.54 27.55 2.45
C TYR A 763 -32.74 28.75 1.93
N ASN A 764 -31.46 28.57 1.64
CA ASN A 764 -30.64 29.67 1.16
C ASN A 764 -30.79 29.92 -0.33
N GLY A 765 -31.67 29.20 -1.01
CA GLY A 765 -31.82 29.32 -2.45
C GLY A 765 -30.82 28.52 -3.25
N LYS A 766 -29.79 27.97 -2.62
CA LYS A 766 -28.83 27.14 -3.30
C LYS A 766 -29.48 25.81 -3.67
N GLU A 767 -29.02 25.23 -4.78
CA GLU A 767 -29.53 23.95 -5.26
C GLU A 767 -28.56 22.84 -4.89
N ARG A 768 -29.10 21.66 -4.63
CA ARG A 768 -28.29 20.49 -4.28
C ARG A 768 -28.80 19.28 -5.06
N LYS A 769 -27.86 18.40 -5.40
CA LYS A 769 -28.14 17.22 -6.19
C LYS A 769 -27.90 15.98 -5.35
N ILE A 770 -28.66 14.92 -5.65
CA ILE A 770 -28.52 13.70 -4.86
C ILE A 770 -27.17 13.04 -5.13
N ILE A 771 -26.70 13.10 -6.37
CA ILE A 771 -25.52 12.32 -6.75
C ILE A 771 -24.28 12.78 -5.98
N GLN A 772 -24.18 14.08 -5.73
CA GLN A 772 -22.94 14.60 -5.14
C GLN A 772 -22.80 14.20 -3.68
N ASN A 773 -23.90 14.15 -2.94
CA ASN A 773 -23.84 13.78 -1.53
C ASN A 773 -25.19 13.26 -1.07
N PRO A 774 -25.43 11.95 -1.16
CA PRO A 774 -26.74 11.43 -0.73
C PRO A 774 -26.97 11.53 0.77
N SER A 775 -25.94 11.79 1.57
CA SER A 775 -26.11 11.80 3.01
C SER A 775 -26.97 12.95 3.49
N TYR A 776 -27.27 13.92 2.62
CA TYR A 776 -28.20 14.98 2.96
C TYR A 776 -29.64 14.64 2.60
N PHE A 777 -29.88 13.42 2.13
CA PHE A 777 -31.21 12.95 1.80
C PHE A 777 -31.62 11.67 2.51
N LEU A 778 -30.68 10.93 3.09
CA LEU A 778 -30.99 9.71 3.83
C LEU A 778 -31.17 9.99 5.32
N LYS A 779 -30.26 10.77 5.90
CA LYS A 779 -30.39 11.10 7.31
C LYS A 779 -31.59 12.00 7.54
N LYS A 780 -32.25 11.81 8.69
CA LYS A 780 -33.47 12.55 8.98
C LYS A 780 -33.16 14.00 9.33
N GLU A 781 -32.37 14.21 10.39
CA GLU A 781 -32.08 15.56 10.84
C GLU A 781 -31.58 16.44 9.70
N ASN A 782 -30.70 15.90 8.86
CA ASN A 782 -30.15 16.70 7.78
C ASN A 782 -31.24 17.18 6.83
N TYR A 783 -32.13 16.28 6.41
CA TYR A 783 -33.18 16.68 5.50
C TYR A 783 -34.09 17.72 6.13
N LEU A 784 -34.60 17.43 7.32
CA LEU A 784 -35.56 18.35 7.95
C LEU A 784 -34.92 19.69 8.25
N ARG A 785 -33.62 19.72 8.53
CA ARG A 785 -32.94 20.98 8.80
C ARG A 785 -32.71 21.76 7.51
N THR A 786 -31.99 21.17 6.56
CA THR A 786 -31.58 21.89 5.36
C THR A 786 -32.78 22.28 4.50
N PHE A 787 -33.65 21.33 4.18
CA PHE A 787 -34.76 21.64 3.28
C PHE A 787 -36.02 22.08 4.03
N ASN A 788 -35.99 22.14 5.35
CA ASN A 788 -37.09 22.69 6.14
C ASN A 788 -38.41 22.00 5.83
N LYS A 789 -38.37 20.70 5.57
CA LYS A 789 -39.58 19.94 5.27
C LYS A 789 -40.19 19.39 6.55
N SER A 790 -41.27 18.64 6.41
CA SER A 790 -41.97 18.02 7.53
C SER A 790 -41.86 16.50 7.45
N GLU A 791 -42.35 15.85 8.51
CA GLU A 791 -42.18 14.40 8.63
C GLU A 791 -42.80 13.67 7.45
N THR A 792 -44.01 14.03 7.07
CA THR A 792 -44.68 13.37 5.95
C THR A 792 -43.89 13.57 4.67
N ALA A 793 -43.33 14.77 4.47
CA ALA A 793 -42.52 15.02 3.29
C ALA A 793 -41.31 14.11 3.26
N TYR A 794 -40.63 13.95 4.39
CA TYR A 794 -39.47 13.06 4.44
C TYR A 794 -39.86 11.63 4.13
N GLN A 795 -40.96 11.16 4.72
CA GLN A 795 -41.40 9.79 4.45
C GLN A 795 -41.70 9.60 2.98
N LYS A 796 -42.40 10.55 2.37
CA LYS A 796 -42.75 10.44 0.96
C LYS A 796 -41.49 10.42 0.09
N MET A 797 -40.55 11.32 0.37
CA MET A 797 -39.32 11.36 -0.42
C MET A 797 -38.56 10.05 -0.30
N PHE A 798 -38.42 9.53 0.92
CA PHE A 798 -37.68 8.29 1.10
C PHE A 798 -38.37 7.15 0.37
N THR A 799 -39.70 7.09 0.43
CA THR A 799 -40.42 6.01 -0.22
C THR A 799 -40.39 6.12 -1.73
N GLU A 800 -40.22 7.31 -2.28
CA GLU A 800 -40.27 7.50 -3.72
C GLU A 800 -38.92 7.47 -4.41
N GLN A 801 -37.86 7.93 -3.76
CA GLN A 801 -36.58 8.05 -4.44
C GLN A 801 -35.75 6.78 -4.40
N PHE A 802 -35.80 6.02 -3.30
CA PHE A 802 -34.88 4.91 -3.06
C PHE A 802 -35.62 3.58 -3.15
N GLU A 803 -35.08 2.65 -3.94
CA GLU A 803 -35.55 1.28 -3.97
C GLU A 803 -34.69 0.46 -3.01
N LYS A 804 -35.22 -0.67 -2.55
CA LYS A 804 -34.47 -1.51 -1.63
C LYS A 804 -34.75 -2.98 -1.91
N LYS A 805 -33.72 -3.81 -1.80
CA LYS A 805 -33.90 -5.23 -2.02
C LYS A 805 -32.77 -6.02 -1.38
N LYS A 806 -32.99 -7.34 -1.24
CA LYS A 806 -32.05 -8.24 -0.61
C LYS A 806 -31.41 -9.14 -1.67
N LEU A 807 -30.08 -9.25 -1.62
CA LEU A 807 -29.34 -10.01 -2.62
C LEU A 807 -28.17 -10.73 -1.98
N LEU A 808 -27.62 -11.69 -2.73
CA LEU A 808 -26.45 -12.45 -2.31
C LEU A 808 -25.14 -11.85 -2.77
N THR A 809 -25.15 -10.86 -3.65
CA THR A 809 -23.94 -10.32 -4.25
C THR A 809 -24.01 -8.80 -4.23
N LEU A 810 -23.09 -8.17 -4.95
CA LEU A 810 -22.99 -6.72 -4.97
C LEU A 810 -22.04 -6.34 -6.10
N ASP A 811 -21.78 -5.04 -6.21
CA ASP A 811 -20.79 -4.53 -7.16
C ASP A 811 -20.03 -3.41 -6.48
N LEU A 812 -18.79 -3.69 -6.06
CA LEU A 812 -18.03 -2.78 -5.23
C LEU A 812 -17.49 -1.57 -5.99
N THR A 813 -17.90 -1.36 -7.23
CA THR A 813 -17.42 -0.19 -7.97
C THR A 813 -17.88 1.10 -7.30
N THR A 814 -19.12 1.13 -6.81
CA THR A 814 -19.71 2.36 -6.31
C THR A 814 -20.45 2.20 -4.98
N ALA A 815 -20.45 1.01 -4.38
CA ALA A 815 -21.18 0.82 -3.13
C ALA A 815 -20.52 1.61 -2.00
N LYS A 816 -21.35 2.15 -1.11
CA LYS A 816 -20.85 2.92 0.02
C LYS A 816 -21.82 2.80 1.18
N VAL A 817 -21.32 3.12 2.37
CA VAL A 817 -22.09 3.05 3.61
C VAL A 817 -22.51 4.48 3.97
N ILE A 818 -23.80 4.76 3.89
CA ILE A 818 -24.36 6.07 4.20
C ILE A 818 -25.42 5.87 5.28
N CYS A 819 -25.18 6.45 6.46
CA CYS A 819 -26.15 6.41 7.55
C CYS A 819 -26.64 4.99 7.79
N GLY A 820 -25.72 4.04 7.79
CA GLY A 820 -26.03 2.66 8.11
C GLY A 820 -26.64 1.85 7.00
N HIS A 821 -26.83 2.43 5.81
CA HIS A 821 -27.39 1.72 4.67
C HIS A 821 -26.33 1.58 3.58
N ILE A 822 -26.37 0.45 2.87
CA ILE A 822 -25.49 0.22 1.74
C ILE A 822 -26.15 0.75 0.49
N VAL A 823 -25.63 1.84 -0.04
CA VAL A 823 -26.13 2.45 -1.27
C VAL A 823 -25.24 1.97 -2.40
N THR A 824 -25.83 1.37 -3.42
CA THR A 824 -25.04 0.85 -4.53
C THR A 824 -24.58 1.95 -5.49
N ASN A 825 -25.15 3.14 -5.40
CA ASN A 825 -24.80 4.25 -6.28
C ASN A 825 -24.28 5.46 -5.52
N GLY A 826 -23.75 5.26 -4.32
CA GLY A 826 -23.33 6.38 -3.50
C GLY A 826 -21.95 6.90 -3.78
N ASP A 827 -21.23 6.35 -4.75
CA ASP A 827 -19.82 6.69 -4.93
C ASP A 827 -19.43 6.83 -6.39
N VAL A 828 -20.31 7.38 -7.23
CA VAL A 828 -19.95 7.61 -8.63
C VAL A 828 -18.81 8.59 -8.76
N PRO A 829 -18.79 9.73 -8.05
CA PRO A 829 -17.69 10.68 -8.25
C PRO A 829 -16.31 10.10 -8.01
N ALA A 830 -16.17 9.17 -7.07
CA ALA A 830 -14.86 8.57 -6.82
C ALA A 830 -14.40 7.69 -7.98
N LEU A 831 -15.35 7.07 -8.70
CA LEU A 831 -14.97 6.32 -9.90
C LEU A 831 -14.67 7.25 -11.06
N PHE A 832 -15.43 8.35 -11.18
CA PHE A 832 -15.14 9.32 -12.22
C PHE A 832 -13.75 9.91 -12.05
N ASN A 833 -13.37 10.22 -10.81
CA ASN A 833 -12.04 10.77 -10.59
C ASN A 833 -10.93 9.83 -11.03
N LEU A 834 -11.08 8.53 -10.79
CA LEU A 834 -10.11 7.56 -11.27
C LEU A 834 -10.07 7.45 -12.79
N TRP A 835 -11.23 7.33 -13.43
CA TRP A 835 -11.27 7.26 -14.89
C TRP A 835 -10.86 8.57 -15.55
N LEU A 836 -10.78 9.65 -14.79
CA LEU A 836 -10.24 10.91 -15.32
C LEU A 836 -8.75 11.02 -15.11
N LYS A 837 -8.24 10.61 -13.94
CA LYS A 837 -6.81 10.67 -13.71
C LYS A 837 -6.05 9.72 -14.62
N HIS A 838 -6.60 8.53 -14.87
CA HIS A 838 -5.94 7.63 -15.81
C HIS A 838 -5.78 8.29 -17.18
N ALA A 839 -6.85 8.91 -17.69
CA ALA A 839 -6.79 9.55 -18.99
C ALA A 839 -5.84 10.75 -18.98
N GLN A 840 -5.90 11.56 -17.93
CA GLN A 840 -5.03 12.73 -17.87
C GLN A 840 -3.57 12.33 -17.86
N ARG A 841 -3.23 11.21 -17.21
CA ARG A 841 -1.86 10.72 -17.24
C ARG A 841 -1.50 10.20 -18.63
N ASN A 842 -2.39 9.41 -19.24
CA ASN A 842 -2.06 8.82 -20.53
C ASN A 842 -1.81 9.89 -21.58
N ILE A 843 -2.65 10.93 -21.63
CA ILE A 843 -2.49 11.96 -22.64
C ILE A 843 -1.33 12.90 -22.35
N PHE A 844 -0.71 12.80 -21.18
CA PHE A 844 0.46 13.58 -20.85
C PHE A 844 1.75 12.81 -21.03
N GLU A 845 1.70 11.48 -20.96
CA GLU A 845 2.90 10.67 -21.10
C GLU A 845 3.19 10.27 -22.54
N MET A 846 2.30 10.56 -23.48
CA MET A 846 2.53 10.30 -24.89
C MET A 846 3.03 11.52 -25.65
N ASN A 847 3.22 12.66 -24.97
CA ASN A 847 3.88 13.82 -25.55
C ASN A 847 5.39 13.65 -25.44
N ASP A 848 6.13 14.71 -25.71
CA ASP A 848 7.57 14.76 -25.46
C ASP A 848 7.90 16.05 -24.71
N HIS A 849 8.89 15.98 -23.84
CA HIS A 849 9.16 17.06 -22.88
C HIS A 849 10.63 17.41 -22.84
N ILE A 850 11.25 17.57 -24.01
CA ILE A 850 12.61 18.09 -24.06
C ILE A 850 12.57 19.61 -24.03
N GLN A 851 13.67 20.20 -23.54
CA GLN A 851 13.74 21.65 -23.41
C GLN A 851 13.58 22.33 -24.77
N LYS A 852 14.32 21.96 -25.75
CA LYS A 852 14.32 22.45 -27.07
C LYS A 852 13.04 22.15 -27.78
N GLU A 853 12.53 23.09 -28.57
CA GLU A 853 11.20 22.94 -29.14
C GLU A 853 11.14 21.75 -30.09
N THR A 854 9.91 21.28 -30.32
CA THR A 854 9.65 20.24 -31.31
C THR A 854 8.19 20.35 -31.74
N ALA A 855 7.89 19.76 -32.89
CA ALA A 855 6.61 19.97 -33.56
C ALA A 855 5.61 18.85 -33.34
N LYS A 856 5.87 17.95 -32.39
CA LYS A 856 4.93 16.87 -32.11
C LYS A 856 3.57 17.46 -31.76
N LYS A 857 2.51 16.89 -32.34
CA LYS A 857 1.17 17.39 -32.13
C LYS A 857 0.23 16.22 -31.86
N ILE A 858 -0.82 16.49 -31.09
CA ILE A 858 -1.74 15.45 -30.63
C ILE A 858 -3.13 16.06 -30.51
N VAL A 859 -4.16 15.25 -30.77
CA VAL A 859 -5.53 15.72 -30.79
C VAL A 859 -6.45 14.64 -30.24
N LEU A 860 -7.61 15.07 -29.74
CA LEU A 860 -8.64 14.19 -29.21
C LEU A 860 -9.74 13.99 -30.25
N LYS A 861 -10.33 12.80 -30.26
CA LYS A 861 -11.34 12.49 -31.26
C LYS A 861 -12.35 11.49 -30.69
N ASN A 862 -13.54 11.46 -31.30
CA ASN A 862 -14.53 10.47 -30.95
C ASN A 862 -14.42 9.23 -31.82
N GLN A 863 -13.88 9.37 -33.03
CA GLN A 863 -13.62 8.23 -33.90
C GLN A 863 -12.46 8.60 -34.83
N LEU A 864 -11.84 7.58 -35.40
CA LEU A 864 -10.69 7.76 -36.26
C LEU A 864 -11.13 7.95 -37.71
N ASP A 865 -10.37 8.77 -38.43
CA ASP A 865 -10.75 9.23 -39.77
C ASP A 865 -9.97 8.56 -40.89
N THR A 866 -8.64 8.63 -40.86
CA THR A 866 -7.80 8.15 -41.94
C THR A 866 -7.37 6.71 -41.71
N ASP A 867 -7.32 5.93 -42.80
CA ASP A 867 -6.99 4.53 -42.69
C ASP A 867 -5.61 4.31 -42.06
N ASN A 868 -4.71 5.29 -42.17
CA ASN A 868 -3.45 5.17 -41.45
C ASN A 868 -3.68 5.02 -39.96
N GLU A 869 -4.57 5.84 -39.39
CA GLU A 869 -4.83 5.78 -37.96
C GLU A 869 -5.47 4.45 -37.57
N LYS A 870 -6.45 3.99 -38.34
CA LYS A 870 -7.09 2.72 -38.01
C LYS A 870 -6.10 1.57 -38.09
N LEU A 871 -5.24 1.57 -39.11
CA LEU A 871 -4.24 0.50 -39.22
C LEU A 871 -3.22 0.57 -38.10
N LYS A 872 -2.87 1.78 -37.66
CA LYS A 872 -1.94 1.88 -36.54
C LYS A 872 -2.58 1.37 -35.24
N PHE A 873 -3.84 1.72 -35.01
CA PHE A 873 -4.49 1.29 -33.77
C PHE A 873 -4.69 -0.21 -33.74
N ALA A 874 -5.22 -0.78 -34.83
CA ALA A 874 -5.41 -2.23 -34.85
C ALA A 874 -4.12 -2.96 -34.55
N GLU A 875 -2.99 -2.44 -35.05
CA GLU A 875 -1.69 -3.00 -34.68
C GLU A 875 -1.39 -2.79 -33.21
N TYR A 876 -1.73 -1.62 -32.68
CA TYR A 876 -1.52 -1.35 -31.25
C TYR A 876 -2.30 -2.31 -30.36
N ILE A 877 -3.37 -2.92 -30.87
CA ILE A 877 -4.22 -3.77 -30.05
C ILE A 877 -3.89 -5.26 -30.17
N SER A 878 -3.32 -5.69 -31.28
CA SER A 878 -3.15 -7.11 -31.57
C SER A 878 -1.76 -7.61 -31.19
N LYS A 879 -1.64 -8.93 -31.09
CA LYS A 879 -0.36 -9.56 -30.79
C LYS A 879 0.54 -9.54 -32.03
N GLU A 880 1.85 -9.37 -31.80
CA GLU A 880 2.77 -9.30 -32.92
C GLU A 880 2.73 -10.57 -33.76
N LYS A 881 2.68 -11.73 -33.12
CA LYS A 881 2.46 -12.97 -33.83
C LYS A 881 0.98 -13.12 -34.14
N GLU A 882 0.69 -13.78 -35.27
CA GLU A 882 -0.67 -13.95 -35.75
C GLU A 882 -1.23 -12.66 -36.33
N PHE A 883 -0.48 -11.56 -36.22
CA PHE A 883 -0.83 -10.30 -36.85
C PHE A 883 0.06 -9.99 -38.04
N GLY A 884 1.38 -9.95 -37.84
CA GLY A 884 2.28 -9.80 -38.96
C GLY A 884 2.10 -10.87 -40.01
N LYS A 885 1.65 -12.06 -39.60
CA LYS A 885 1.29 -13.10 -40.53
C LYS A 885 0.02 -12.82 -41.30
N LEU A 886 -0.74 -11.81 -40.88
CA LEU A 886 -2.04 -11.52 -41.48
C LEU A 886 -1.83 -10.89 -42.86
N ASN A 887 -2.57 -11.38 -43.84
CA ASN A 887 -2.40 -10.91 -45.21
C ASN A 887 -2.66 -9.40 -45.30
N ASP A 888 -1.88 -8.71 -46.12
CA ASP A 888 -1.98 -7.26 -46.22
C ASP A 888 -3.34 -6.82 -46.75
N ASP A 889 -4.08 -7.70 -47.42
CA ASP A 889 -5.43 -7.35 -47.83
C ASP A 889 -6.41 -7.53 -46.68
N GLU A 890 -6.29 -8.61 -45.93
CA GLU A 890 -7.18 -8.85 -44.80
C GLU A 890 -6.95 -7.87 -43.66
N LYS A 891 -5.85 -7.12 -43.69
CA LYS A 891 -5.63 -6.11 -42.66
C LYS A 891 -6.63 -4.97 -42.76
N MET A 892 -7.40 -4.90 -43.84
CA MET A 892 -8.50 -3.95 -43.95
C MET A 892 -9.81 -4.55 -43.44
N LYS A 893 -10.06 -5.83 -43.74
CA LYS A 893 -11.23 -6.48 -43.18
C LYS A 893 -11.15 -6.59 -41.68
N TYR A 894 -9.93 -6.75 -41.14
CA TYR A 894 -9.77 -6.75 -39.69
C TYR A 894 -10.16 -5.41 -39.09
N THR A 895 -9.76 -4.32 -39.73
CA THR A 895 -10.17 -2.99 -39.27
C THR A 895 -11.68 -2.82 -39.36
N LYS A 896 -12.29 -3.30 -40.45
CA LYS A 896 -13.75 -3.23 -40.54
C LYS A 896 -14.41 -4.04 -39.45
N TRP A 897 -13.81 -5.18 -39.09
CA TRP A 897 -14.34 -6.01 -38.01
C TRP A 897 -14.24 -5.30 -36.66
N ILE A 898 -13.14 -4.60 -36.40
CA ILE A 898 -13.00 -3.91 -35.13
C ILE A 898 -13.92 -2.69 -35.06
N PHE A 899 -13.96 -1.89 -36.11
CA PHE A 899 -14.46 -0.52 -36.00
C PHE A 899 -15.87 -0.32 -36.57
N GLU A 900 -16.47 -1.32 -37.21
CA GLU A 900 -17.82 -1.18 -37.72
C GLU A 900 -18.80 -1.87 -36.77
N ASP A 901 -20.09 -1.74 -37.08
CA ASP A 901 -21.15 -2.19 -36.18
C ASP A 901 -21.46 -3.67 -36.32
N ARG A 902 -20.82 -4.38 -37.24
CA ARG A 902 -20.90 -5.84 -37.28
C ARG A 902 -22.27 -6.33 -37.72
N ASP A 903 -23.21 -5.41 -37.96
CA ASP A 903 -24.57 -5.81 -38.32
C ASP A 903 -24.82 -5.81 -39.81
N GLN A 904 -24.17 -4.91 -40.55
CA GLN A 904 -24.35 -4.82 -41.99
C GLN A 904 -23.34 -5.63 -42.78
N ASN A 905 -22.36 -6.24 -42.10
CA ASN A 905 -21.23 -6.89 -42.75
C ASN A 905 -21.34 -8.40 -42.62
N ASN A 906 -21.03 -9.11 -43.70
CA ASN A 906 -21.11 -10.57 -43.73
C ASN A 906 -19.74 -11.17 -43.42
N PHE A 907 -19.35 -11.05 -42.16
CA PHE A 907 -18.09 -11.64 -41.71
C PHE A 907 -18.24 -13.15 -41.63
N THR A 908 -17.28 -13.87 -42.22
CA THR A 908 -17.33 -15.32 -42.30
C THR A 908 -16.62 -15.93 -41.09
N GLU A 909 -16.37 -17.24 -41.14
CA GLU A 909 -15.71 -17.94 -40.04
C GLU A 909 -14.32 -17.38 -39.75
N VAL A 910 -13.81 -16.46 -40.58
CA VAL A 910 -12.49 -15.90 -40.36
C VAL A 910 -12.41 -15.22 -39.00
N GLU A 911 -13.53 -14.69 -38.49
CA GLU A 911 -13.49 -13.96 -37.23
C GLU A 911 -12.92 -14.83 -36.11
N ASN A 912 -13.44 -16.05 -35.97
CA ASN A 912 -12.89 -16.95 -34.96
C ASN A 912 -11.52 -17.45 -35.38
N LYS A 913 -11.36 -17.77 -36.67
CA LYS A 913 -10.11 -18.35 -37.14
C LYS A 913 -8.94 -17.42 -36.89
N LYS A 914 -9.10 -16.14 -37.24
CA LYS A 914 -8.00 -15.18 -37.16
C LYS A 914 -8.29 -14.03 -36.22
N PHE A 915 -9.40 -13.30 -36.41
CA PHE A 915 -9.56 -12.03 -35.74
C PHE A 915 -9.58 -12.19 -34.22
N LYS A 916 -10.25 -13.22 -33.71
CA LYS A 916 -10.43 -13.36 -32.27
C LYS A 916 -9.24 -14.00 -31.57
N ARG A 917 -8.20 -14.39 -32.31
CA ARG A 917 -7.03 -15.03 -31.72
C ARG A 917 -5.81 -14.12 -31.66
N CYS A 918 -5.80 -13.04 -32.45
CA CYS A 918 -4.68 -12.10 -32.45
C CYS A 918 -4.96 -10.84 -31.65
N GLN A 919 -6.08 -10.78 -30.93
CA GLN A 919 -6.43 -9.62 -30.13
C GLN A 919 -6.05 -9.88 -28.67
N LYS A 920 -5.31 -8.95 -28.07
CA LYS A 920 -4.85 -9.12 -26.70
C LYS A 920 -5.27 -8.00 -25.76
N ILE A 921 -5.98 -7.00 -26.24
CA ILE A 921 -6.58 -5.97 -25.38
C ILE A 921 -8.04 -5.89 -25.79
N TYR A 922 -8.89 -6.65 -25.10
CA TYR A 922 -10.28 -6.78 -25.50
C TYR A 922 -11.07 -5.53 -25.17
N GLY A 923 -12.23 -5.41 -25.80
CA GLY A 923 -13.09 -4.27 -25.58
C GLY A 923 -14.11 -4.16 -26.69
N ASN A 924 -14.86 -3.05 -26.66
CA ASN A 924 -15.81 -2.71 -27.71
C ASN A 924 -15.49 -1.31 -28.20
N TYR A 925 -15.17 -1.19 -29.49
CA TYR A 925 -14.75 0.08 -30.08
C TYR A 925 -15.73 0.59 -31.13
N SER A 926 -16.88 -0.06 -31.28
CA SER A 926 -17.88 0.44 -32.21
C SER A 926 -18.35 1.83 -31.79
N THR A 927 -19.13 2.45 -32.67
CA THR A 927 -19.69 3.77 -32.36
C THR A 927 -20.93 3.69 -31.49
N LYS A 928 -21.55 2.52 -31.36
CA LYS A 928 -22.77 2.35 -30.59
C LYS A 928 -22.58 1.41 -29.40
N ALA A 929 -21.39 1.40 -28.82
CA ALA A 929 -21.12 0.52 -27.70
C ALA A 929 -21.81 1.03 -26.43
N LYS A 930 -21.83 0.18 -25.40
CA LYS A 930 -22.42 0.56 -24.13
C LYS A 930 -21.71 1.76 -23.53
N ALA A 931 -20.38 1.77 -23.59
CA ALA A 931 -19.56 2.88 -23.08
C ALA A 931 -18.66 3.34 -24.22
N PRO A 932 -19.13 4.25 -25.07
CA PRO A 932 -18.32 4.67 -26.21
C PRO A 932 -16.97 5.20 -25.77
N VAL A 933 -15.94 4.88 -26.56
CA VAL A 933 -14.57 5.18 -26.21
C VAL A 933 -14.14 6.48 -26.88
N LEU A 934 -13.14 7.14 -26.30
CA LEU A 934 -12.68 8.45 -26.75
C LEU A 934 -11.17 8.40 -26.92
N PHE A 935 -10.71 8.74 -28.13
CA PHE A 935 -9.37 8.46 -28.65
C PHE A 935 -8.47 9.69 -28.62
N ALA A 936 -7.17 9.42 -28.66
CA ALA A 936 -6.15 10.45 -28.81
C ALA A 936 -5.16 10.02 -29.88
N SER A 937 -4.92 10.87 -30.87
CA SER A 937 -4.05 10.57 -31.99
C SER A 937 -2.88 11.56 -32.03
N CYS A 938 -1.72 11.07 -32.47
CA CYS A 938 -0.50 11.85 -32.46
C CYS A 938 0.15 11.84 -33.84
N PHE A 939 0.49 13.02 -34.35
CA PHE A 939 1.20 13.12 -35.62
C PHE A 939 1.94 14.45 -35.68
N ILE A 940 2.45 14.78 -36.87
CA ILE A 940 3.25 15.98 -37.08
C ILE A 940 2.66 16.87 -38.17
N ASP A 941 2.22 16.29 -39.28
CA ASP A 941 1.76 17.09 -40.41
C ASP A 941 0.56 17.94 -40.03
N GLU A 942 0.42 19.07 -40.73
CA GLU A 942 -0.46 20.14 -40.27
C GLU A 942 -1.93 19.72 -40.29
N GLU A 943 -2.40 19.18 -41.42
CA GLU A 943 -3.84 19.00 -41.63
C GLU A 943 -4.25 17.53 -41.77
N LEU A 944 -3.34 16.59 -41.56
CA LEU A 944 -3.68 15.16 -41.59
C LEU A 944 -4.38 14.79 -42.90
N GLN A 945 -3.64 14.93 -43.99
CA GLN A 945 -4.15 14.47 -45.27
C GLN A 945 -4.24 12.94 -45.28
N SER A 946 -4.86 12.41 -46.34
CA SER A 946 -5.06 10.97 -46.43
C SER A 946 -3.76 10.20 -46.46
N VAL A 947 -2.65 10.86 -46.78
CA VAL A 947 -1.34 10.23 -46.76
C VAL A 947 -0.47 11.07 -45.83
N THR A 948 -0.40 10.64 -44.56
CA THR A 948 0.41 11.32 -43.56
C THR A 948 1.01 10.27 -42.64
N ASP A 949 2.07 10.66 -41.94
CA ASP A 949 2.85 9.73 -41.11
C ASP A 949 2.37 9.85 -39.67
N ILE A 950 1.28 9.14 -39.36
CA ILE A 950 0.81 9.00 -37.99
C ILE A 950 1.56 7.85 -37.35
N PHE A 951 2.25 8.12 -36.23
CA PHE A 951 3.11 7.11 -35.63
C PHE A 951 2.73 6.83 -34.19
N ASP A 952 1.47 7.04 -33.82
CA ASP A 952 0.97 6.57 -32.54
C ASP A 952 -0.53 6.80 -32.47
N VAL A 953 -1.25 5.83 -31.90
CA VAL A 953 -2.67 5.97 -31.61
C VAL A 953 -2.96 5.20 -30.34
N ARG A 954 -3.94 5.69 -29.58
CA ARG A 954 -4.29 5.07 -28.31
C ARG A 954 -5.74 5.39 -28.00
N HIS A 955 -6.33 4.61 -27.11
CA HIS A 955 -7.68 4.85 -26.62
C HIS A 955 -7.60 5.30 -25.18
N ILE A 956 -8.12 6.49 -24.91
CA ILE A 956 -7.93 7.17 -23.64
C ILE A 956 -9.08 6.90 -22.68
N PHE A 957 -10.31 7.31 -23.04
CA PHE A 957 -11.37 7.42 -22.05
C PHE A 957 -12.55 6.53 -22.45
N LYS A 958 -13.36 6.16 -21.45
CA LYS A 958 -14.59 5.43 -21.67
C LYS A 958 -15.76 6.27 -21.16
N LYS A 959 -16.72 6.55 -22.03
CA LYS A 959 -17.89 7.37 -21.69
C LYS A 959 -18.94 6.51 -20.99
N ARG A 960 -18.60 6.10 -19.78
CA ARG A 960 -19.55 5.33 -18.97
C ARG A 960 -20.83 6.12 -18.80
N GLU A 961 -21.96 5.43 -18.99
CA GLU A 961 -23.25 6.08 -18.80
C GLU A 961 -23.31 6.69 -17.41
N ASP A 962 -24.22 7.63 -17.20
CA ASP A 962 -24.48 8.27 -15.92
C ASP A 962 -23.28 9.04 -15.38
N PHE A 963 -22.23 9.22 -16.17
CA PHE A 963 -21.25 10.25 -15.85
C PHE A 963 -21.79 11.63 -16.18
N TYR A 964 -22.81 11.71 -17.02
CA TYR A 964 -23.36 13.00 -17.43
C TYR A 964 -24.14 13.68 -16.31
N ALA A 965 -24.50 12.95 -15.25
CA ALA A 965 -25.12 13.58 -14.10
C ALA A 965 -24.19 14.55 -13.40
N LEU A 966 -22.88 14.40 -13.59
CA LEU A 966 -21.88 15.31 -13.03
C LEU A 966 -21.40 16.33 -14.05
N LYS A 967 -20.95 15.87 -15.22
CA LYS A 967 -20.28 16.71 -16.20
C LYS A 967 -20.90 16.50 -17.57
N THR A 968 -21.04 17.57 -18.32
CA THR A 968 -21.55 17.46 -19.69
C THR A 968 -20.48 16.84 -20.58
N GLU A 969 -20.88 16.51 -21.81
CA GLU A 969 -19.95 15.89 -22.74
C GLU A 969 -18.76 16.79 -23.06
N GLU A 970 -18.96 18.10 -23.04
CA GLU A 970 -17.91 19.04 -23.41
C GLU A 970 -16.78 19.11 -22.39
N GLU A 971 -16.95 18.50 -21.22
CA GLU A 971 -15.93 18.56 -20.18
C GLU A 971 -14.72 17.70 -20.49
N ILE A 972 -14.60 17.20 -21.73
CA ILE A 972 -13.29 16.80 -22.23
C ILE A 972 -12.35 17.99 -22.27
N LYS A 973 -12.88 19.21 -22.19
CA LYS A 973 -12.03 20.38 -21.96
C LYS A 973 -11.19 20.19 -20.71
N GLN A 974 -11.68 19.41 -19.74
CA GLN A 974 -10.90 19.09 -18.55
C GLN A 974 -9.82 18.06 -18.84
N LEU A 975 -10.10 17.11 -19.73
CA LEU A 975 -9.16 16.03 -20.04
C LEU A 975 -7.99 16.51 -20.87
N ILE A 976 -8.04 17.74 -21.38
CA ILE A 976 -7.00 18.26 -22.27
C ILE A 976 -6.04 19.18 -21.54
N ASP A 977 -6.53 20.03 -20.66
CA ASP A 977 -5.68 21.06 -20.06
C ASP A 977 -4.46 20.46 -19.38
N SER A 978 -4.47 19.16 -19.13
CA SER A 978 -3.34 18.47 -18.52
C SER A 978 -2.43 17.81 -19.53
N TYR A 979 -2.49 18.20 -20.80
CA TYR A 979 -1.50 17.78 -21.79
C TYR A 979 -0.94 19.00 -22.49
N ASN A 980 0.39 19.08 -22.57
CA ASN A 980 1.04 20.21 -23.22
C ASN A 980 2.47 19.81 -23.55
N THR A 981 2.84 19.91 -24.83
CA THR A 981 4.17 19.49 -25.25
C THR A 981 5.25 20.37 -24.62
N ASN A 982 5.03 21.68 -24.59
CA ASN A 982 6.07 22.61 -24.17
C ASN A 982 6.53 22.36 -22.74
N ARG A 983 5.70 21.73 -21.91
CA ARG A 983 6.05 21.55 -20.51
C ARG A 983 7.29 20.68 -20.40
N ALA A 984 8.21 21.07 -19.52
CA ALA A 984 9.41 20.30 -19.25
C ALA A 984 9.22 19.50 -17.97
N SER A 985 9.41 18.19 -18.06
CA SER A 985 9.13 17.31 -16.92
C SER A 985 9.89 17.73 -15.66
N HIS A 986 11.08 18.31 -15.83
CA HIS A 986 11.83 18.75 -14.66
C HIS A 986 11.18 19.97 -14.01
N ASP A 987 10.65 20.88 -14.84
CA ASP A 987 10.09 22.13 -14.32
C ASP A 987 8.80 21.89 -13.56
N ILE A 988 7.93 21.00 -14.07
CA ILE A 988 6.58 20.89 -13.55
C ILE A 988 6.62 20.57 -12.07
N SER A 989 6.08 21.47 -11.26
CA SER A 989 5.94 21.27 -9.82
C SER A 989 4.48 20.98 -9.49
N ASN A 990 4.27 20.47 -8.29
CA ASN A 990 2.92 20.17 -7.84
C ASN A 990 2.12 21.47 -7.74
N GLU A 991 0.84 21.33 -7.42
CA GLU A 991 -0.08 22.44 -7.18
C GLU A 991 -0.41 23.22 -8.44
N GLU A 992 0.11 22.84 -9.60
CA GLU A 992 -0.35 23.33 -10.89
C GLU A 992 -0.73 22.21 -11.83
N LEU A 993 -0.01 21.09 -11.78
CA LEU A 993 -0.45 19.84 -12.37
C LEU A 993 -0.27 18.73 -11.34
N ASP A 994 -1.15 17.73 -11.41
CA ASP A 994 -1.10 16.61 -10.48
C ASP A 994 -1.23 15.31 -11.28
N LEU A 995 -0.20 14.47 -11.24
CA LEU A 995 -0.20 13.19 -11.92
C LEU A 995 -0.38 12.01 -10.99
N LYS A 996 -0.49 12.26 -9.68
CA LYS A 996 -0.63 11.18 -8.72
C LYS A 996 -1.89 10.36 -8.99
N ILE A 997 -1.73 9.04 -8.98
CA ILE A 997 -2.86 8.13 -9.03
C ILE A 997 -3.03 7.34 -7.74
N LEU A 998 -2.17 7.57 -6.74
CA LEU A 998 -2.24 6.77 -5.53
C LEU A 998 -3.47 7.13 -4.69
N ASN A 999 -3.71 8.42 -4.47
CA ASN A 999 -4.80 8.84 -3.60
C ASN A 999 -6.16 8.48 -4.20
N THR A 1000 -6.35 8.82 -5.48
CA THR A 1000 -7.63 8.53 -6.12
C THR A 1000 -7.84 7.03 -6.28
N LYS A 1001 -6.79 6.23 -6.14
CA LYS A 1001 -6.93 4.78 -6.12
C LYS A 1001 -7.19 4.23 -4.74
N LYS A 1002 -6.71 4.92 -3.69
CA LYS A 1002 -7.04 4.53 -2.32
C LYS A 1002 -8.45 4.95 -1.93
N ALA A 1003 -9.04 5.93 -2.61
CA ALA A 1003 -10.41 6.33 -2.28
C ALA A 1003 -11.39 5.19 -2.50
N LEU A 1004 -11.31 4.51 -3.64
CA LEU A 1004 -12.21 3.40 -3.91
C LEU A 1004 -12.01 2.28 -2.90
N VAL A 1005 -10.76 1.99 -2.54
CA VAL A 1005 -10.52 0.95 -1.55
C VAL A 1005 -11.06 1.36 -0.19
N ALA A 1006 -10.96 2.65 0.15
CA ALA A 1006 -11.53 3.13 1.39
C ALA A 1006 -13.03 2.95 1.42
N ASN A 1007 -13.70 3.17 0.30
CA ASN A 1007 -15.14 2.96 0.25
C ASN A 1007 -15.52 1.47 0.26
N ALA A 1008 -14.69 0.61 -0.32
CA ALA A 1008 -14.99 -0.83 -0.32
C ALA A 1008 -14.69 -1.51 1.01
N VAL A 1009 -13.68 -1.07 1.74
CA VAL A 1009 -13.36 -1.70 3.02
C VAL A 1009 -14.50 -1.48 4.00
N GLY A 1010 -15.14 -0.31 3.94
CA GLY A 1010 -16.28 -0.07 4.81
C GLY A 1010 -17.40 -1.07 4.58
N VAL A 1011 -17.75 -1.30 3.32
CA VAL A 1011 -18.81 -2.26 3.01
C VAL A 1011 -18.40 -3.66 3.48
N ILE A 1012 -17.16 -4.06 3.20
CA ILE A 1012 -16.76 -5.42 3.55
C ILE A 1012 -16.77 -5.60 5.06
N ASP A 1013 -16.26 -4.64 5.82
CA ASP A 1013 -16.29 -4.74 7.27
C ASP A 1013 -17.70 -4.72 7.83
N PHE A 1014 -18.57 -3.88 7.28
CA PHE A 1014 -19.95 -3.85 7.74
C PHE A 1014 -20.64 -5.19 7.53
N LEU A 1015 -20.47 -5.78 6.34
CA LEU A 1015 -21.08 -7.09 6.10
C LEU A 1015 -20.46 -8.16 7.00
N TYR A 1016 -19.15 -8.11 7.21
CA TYR A 1016 -18.51 -9.08 8.08
C TYR A 1016 -19.09 -9.04 9.48
N LYS A 1017 -19.21 -7.84 10.05
CA LYS A 1017 -19.83 -7.72 11.38
C LYS A 1017 -21.28 -8.20 11.35
N HIS A 1018 -22.03 -7.80 10.34
CA HIS A 1018 -23.44 -8.18 10.26
C HIS A 1018 -23.59 -9.69 10.33
N TYR A 1019 -22.82 -10.42 9.53
CA TYR A 1019 -22.97 -11.87 9.50
C TYR A 1019 -22.35 -12.55 10.70
N GLU A 1020 -21.28 -11.99 11.27
CA GLU A 1020 -20.67 -12.60 12.44
C GLU A 1020 -21.56 -12.48 13.67
N ARG A 1021 -22.32 -11.40 13.78
CA ARG A 1021 -23.28 -11.24 14.88
C ARG A 1021 -24.60 -11.93 14.59
N ARG A 1022 -24.65 -12.83 13.61
CA ARG A 1022 -25.84 -13.60 13.33
C ARG A 1022 -25.53 -15.09 13.31
N LEU A 1023 -24.37 -15.47 12.81
CA LEU A 1023 -23.98 -16.87 12.75
C LEU A 1023 -23.19 -17.32 13.97
N GLY A 1024 -22.57 -16.41 14.71
CA GLY A 1024 -21.81 -16.79 15.88
C GLY A 1024 -20.41 -17.29 15.61
N GLY A 1025 -19.90 -17.08 14.40
CA GLY A 1025 -18.56 -17.55 14.07
C GLY A 1025 -17.90 -16.68 13.03
N GLU A 1026 -16.57 -16.75 13.00
CA GLU A 1026 -15.79 -15.96 12.07
C GLU A 1026 -15.80 -16.59 10.69
N GLY A 1027 -15.35 -15.81 9.70
CA GLY A 1027 -15.39 -16.25 8.32
C GLY A 1027 -14.12 -15.88 7.59
N LEU A 1028 -13.98 -16.44 6.39
CA LEU A 1028 -12.79 -16.27 5.57
C LEU A 1028 -13.06 -15.34 4.39
N ILE A 1029 -12.05 -14.54 4.06
CA ILE A 1029 -12.07 -13.68 2.88
C ILE A 1029 -11.24 -14.35 1.80
N ILE A 1030 -11.87 -14.69 0.69
CA ILE A 1030 -11.23 -15.49 -0.36
C ILE A 1030 -11.11 -14.64 -1.61
N LYS A 1031 -9.91 -14.62 -2.19
CA LYS A 1031 -9.68 -14.02 -3.50
C LYS A 1031 -8.62 -14.82 -4.21
N GLU A 1032 -8.69 -14.84 -5.55
CA GLU A 1032 -7.84 -15.73 -6.31
C GLU A 1032 -6.38 -15.26 -6.29
N GLY A 1033 -5.47 -16.23 -6.32
CA GLY A 1033 -4.06 -15.98 -6.21
C GLY A 1033 -3.34 -15.76 -7.52
N PHE A 1034 -3.49 -14.57 -8.12
CA PHE A 1034 -2.85 -14.31 -9.40
C PHE A 1034 -1.34 -14.30 -9.32
N GLY A 1035 -0.76 -13.94 -8.18
CA GLY A 1035 0.68 -13.89 -8.09
C GLY A 1035 1.21 -12.55 -8.60
N THR A 1036 2.37 -12.58 -9.25
CA THR A 1036 2.98 -11.38 -9.79
C THR A 1036 3.03 -11.34 -11.31
N GLY A 1037 2.95 -12.49 -11.97
CA GLY A 1037 2.99 -12.47 -13.42
C GLY A 1037 1.79 -11.73 -14.01
N LYS A 1038 0.61 -11.97 -13.46
CA LYS A 1038 -0.62 -11.41 -14.01
C LYS A 1038 -0.97 -10.04 -13.45
N VAL A 1039 -0.43 -9.66 -12.30
CA VAL A 1039 -0.71 -8.32 -11.78
C VAL A 1039 -0.13 -7.26 -12.72
N GLU A 1040 1.07 -7.49 -13.23
CA GLU A 1040 1.66 -6.53 -14.17
C GLU A 1040 0.83 -6.45 -15.46
N ASP A 1041 0.36 -7.59 -15.97
CA ASP A 1041 -0.50 -7.55 -17.14
C ASP A 1041 -1.77 -6.75 -16.86
N GLY A 1042 -2.40 -7.00 -15.72
CA GLY A 1042 -3.59 -6.25 -15.37
C GLY A 1042 -3.34 -4.76 -15.30
N ILE A 1043 -2.21 -4.37 -14.70
CA ILE A 1043 -1.87 -2.95 -14.66
C ILE A 1043 -1.69 -2.41 -16.08
N GLU A 1044 -1.04 -3.19 -16.94
CA GLU A 1044 -0.83 -2.76 -18.32
C GLU A 1044 -2.15 -2.47 -19.02
N LYS A 1045 -3.11 -3.38 -18.89
CA LYS A 1045 -4.35 -3.23 -19.65
C LYS A 1045 -5.13 -1.99 -19.24
N PHE A 1046 -5.22 -1.70 -17.94
CA PHE A 1046 -5.98 -0.54 -17.48
C PHE A 1046 -5.11 0.52 -16.82
N SER A 1047 -4.19 0.14 -15.94
CA SER A 1047 -3.33 1.04 -15.18
C SER A 1047 -4.05 1.63 -13.98
N GLY A 1048 -5.27 1.18 -13.67
CA GLY A 1048 -5.94 1.60 -12.46
C GLY A 1048 -6.48 0.39 -11.72
N ASN A 1049 -5.87 -0.76 -11.96
CA ASN A 1049 -6.30 -1.98 -11.29
C ASN A 1049 -6.15 -1.83 -9.79
N ILE A 1050 -7.06 -2.45 -9.05
CA ILE A 1050 -7.20 -2.23 -7.61
C ILE A 1050 -6.85 -3.47 -6.81
N TYR A 1051 -6.26 -4.50 -7.44
CA TYR A 1051 -6.04 -5.76 -6.77
C TYR A 1051 -5.08 -5.62 -5.58
N ARG A 1052 -3.83 -5.26 -5.87
CA ARG A 1052 -2.81 -5.29 -4.83
C ARG A 1052 -3.13 -4.30 -3.71
N ILE A 1053 -3.61 -3.11 -4.05
CA ILE A 1053 -3.93 -2.13 -3.02
C ILE A 1053 -5.07 -2.62 -2.15
N LEU A 1054 -6.08 -3.26 -2.76
CA LEU A 1054 -7.18 -3.77 -1.97
C LEU A 1054 -6.72 -4.85 -1.01
N GLU A 1055 -5.83 -5.74 -1.45
CA GLU A 1055 -5.29 -6.73 -0.54
C GLU A 1055 -4.51 -6.07 0.59
N ARG A 1056 -3.66 -5.10 0.26
CA ARG A 1056 -2.84 -4.46 1.27
C ARG A 1056 -3.67 -3.66 2.26
N LYS A 1057 -4.87 -3.22 1.87
CA LYS A 1057 -5.76 -2.52 2.79
C LYS A 1057 -6.64 -3.46 3.60
N LEU A 1058 -7.02 -4.62 3.06
CA LEU A 1058 -7.66 -5.64 3.87
C LEU A 1058 -6.75 -6.16 4.96
N TYR A 1059 -5.47 -6.39 4.66
CA TYR A 1059 -4.54 -6.78 5.71
C TYR A 1059 -4.49 -5.75 6.83
N GLN A 1060 -4.43 -4.47 6.47
CA GLN A 1060 -4.41 -3.43 7.48
C GLN A 1060 -5.70 -3.43 8.29
N LYS A 1061 -6.84 -3.58 7.62
CA LYS A 1061 -8.12 -3.53 8.32
C LYS A 1061 -8.25 -4.65 9.34
N PHE A 1062 -8.00 -5.89 8.92
CA PHE A 1062 -8.37 -7.04 9.74
C PHE A 1062 -7.32 -7.44 10.75
N GLN A 1063 -6.17 -6.76 10.80
CA GLN A 1063 -5.22 -7.05 11.87
C GLN A 1063 -5.75 -6.63 13.22
N ASN A 1064 -6.55 -5.56 13.26
CA ASN A 1064 -7.00 -5.03 14.55
C ASN A 1064 -7.84 -6.05 15.32
N TYR A 1065 -8.71 -6.78 14.62
CA TYR A 1065 -9.49 -7.81 15.27
C TYR A 1065 -8.62 -8.99 15.71
N GLY A 1066 -7.37 -9.05 15.27
CA GLY A 1066 -6.52 -10.18 15.59
C GLY A 1066 -6.79 -11.39 14.72
N LEU A 1067 -6.91 -11.20 13.41
CA LEU A 1067 -7.25 -12.28 12.50
C LEU A 1067 -6.18 -12.57 11.46
N VAL A 1068 -5.20 -11.70 11.27
CA VAL A 1068 -4.04 -12.02 10.43
C VAL A 1068 -2.76 -11.58 11.13
N PRO A 1069 -1.67 -12.31 10.89
CA PRO A 1069 -0.44 -12.04 11.62
C PRO A 1069 0.25 -10.81 11.09
N PRO A 1070 1.17 -10.22 11.85
CA PRO A 1070 1.93 -9.08 11.34
C PRO A 1070 2.75 -9.49 10.12
N ILE A 1071 2.84 -8.58 9.15
CA ILE A 1071 3.41 -8.87 7.84
C ILE A 1071 4.67 -8.05 7.65
N LYS A 1072 5.77 -8.72 7.29
CA LYS A 1072 7.06 -8.07 7.09
C LYS A 1072 7.45 -7.96 5.62
N SER A 1073 7.46 -9.09 4.90
CA SER A 1073 7.81 -9.10 3.48
C SER A 1073 6.79 -9.95 2.75
N LEU A 1074 5.79 -9.30 2.15
CA LEU A 1074 4.70 -10.03 1.51
C LEU A 1074 5.20 -10.88 0.35
N MET A 1075 6.11 -10.34 -0.46
CA MET A 1075 6.61 -11.10 -1.60
C MET A 1075 7.37 -12.34 -1.17
N ALA A 1076 7.89 -12.37 0.06
CA ALA A 1076 8.62 -13.54 0.51
C ALA A 1076 7.73 -14.76 0.54
N VAL A 1077 6.48 -14.61 1.00
CA VAL A 1077 5.64 -15.78 1.24
C VAL A 1077 5.04 -16.31 -0.05
N ARG A 1078 4.62 -15.43 -0.96
CA ARG A 1078 3.94 -15.89 -2.17
C ARG A 1078 4.73 -15.62 -3.44
N ALA A 1079 5.00 -14.36 -3.77
CA ALA A 1079 5.81 -14.03 -4.95
C ALA A 1079 5.22 -14.57 -6.24
N ASN A 1080 4.07 -15.22 -6.19
CA ASN A 1080 3.53 -15.92 -7.34
C ASN A 1080 2.15 -16.47 -6.98
N GLY A 1081 1.47 -17.01 -7.98
CA GLY A 1081 0.10 -17.43 -7.82
C GLY A 1081 -0.03 -18.91 -7.53
N ILE A 1082 -1.28 -19.38 -7.59
CA ILE A 1082 -1.62 -20.80 -7.43
C ILE A 1082 -2.25 -21.25 -8.73
N GLU A 1083 -1.51 -22.04 -9.50
CA GLU A 1083 -1.94 -22.46 -10.82
C GLU A 1083 -1.97 -23.98 -10.92
N ASN A 1084 -2.86 -24.49 -11.76
CA ASN A 1084 -2.94 -25.91 -12.08
C ASN A 1084 -3.10 -26.76 -10.81
N ASN A 1085 -3.92 -26.27 -9.88
CA ASN A 1085 -4.22 -27.04 -8.66
C ASN A 1085 -5.57 -26.55 -8.14
N LYS A 1086 -6.62 -27.34 -8.37
CA LYS A 1086 -7.97 -26.96 -8.02
C LYS A 1086 -8.36 -27.39 -6.61
N ASN A 1087 -7.38 -27.60 -5.72
CA ASN A 1087 -7.69 -27.94 -4.34
C ASN A 1087 -6.89 -27.11 -3.35
N ALA A 1088 -5.74 -26.61 -3.79
CA ALA A 1088 -4.82 -25.93 -2.88
C ALA A 1088 -5.40 -24.60 -2.42
N ILE A 1089 -4.84 -24.09 -1.32
CA ILE A 1089 -5.27 -22.83 -0.74
C ILE A 1089 -4.10 -22.23 0.05
N LEU A 1090 -3.81 -20.95 -0.19
CA LEU A 1090 -2.78 -20.24 0.53
C LEU A 1090 -3.43 -19.34 1.57
N GLN A 1091 -3.04 -19.49 2.83
CA GLN A 1091 -3.75 -18.88 3.94
C GLN A 1091 -2.85 -17.94 4.71
N LEU A 1092 -3.30 -16.69 4.88
CA LEU A 1092 -2.69 -15.74 5.80
C LEU A 1092 -3.78 -15.38 6.81
N GLY A 1093 -3.70 -15.94 8.00
CA GLY A 1093 -4.78 -15.73 8.95
C GLY A 1093 -6.06 -16.23 8.35
N ASN A 1094 -7.06 -15.35 8.25
CA ASN A 1094 -8.36 -15.70 7.69
C ASN A 1094 -8.51 -15.32 6.23
N VAL A 1095 -7.45 -14.84 5.59
CA VAL A 1095 -7.49 -14.43 4.19
C VAL A 1095 -6.90 -15.57 3.36
N GLY A 1096 -7.73 -16.19 2.52
CA GLY A 1096 -7.30 -17.28 1.69
C GLY A 1096 -7.03 -16.85 0.26
N PHE A 1097 -6.41 -17.77 -0.48
CA PHE A 1097 -6.13 -17.58 -1.90
C PHE A 1097 -6.22 -18.91 -2.61
N ILE A 1098 -6.73 -18.88 -3.84
CA ILE A 1098 -7.01 -20.11 -4.58
C ILE A 1098 -6.71 -19.92 -6.06
N ASP A 1099 -6.90 -20.98 -6.85
CA ASP A 1099 -6.71 -20.95 -8.30
C ASP A 1099 -7.99 -20.49 -8.99
N PRO A 1100 -7.92 -19.51 -9.89
CA PRO A 1100 -9.14 -19.00 -10.54
C PRO A 1100 -9.59 -19.76 -11.77
N ALA A 1101 -9.11 -20.98 -12.00
CA ALA A 1101 -9.41 -21.68 -13.25
C ALA A 1101 -10.83 -22.21 -13.25
N GLY A 1102 -11.56 -21.92 -14.33
CA GLY A 1102 -12.89 -22.47 -14.50
C GLY A 1102 -13.91 -22.03 -13.48
N THR A 1103 -13.94 -20.75 -13.11
CA THR A 1103 -14.84 -20.26 -12.09
C THR A 1103 -15.90 -19.31 -12.62
N SER A 1104 -15.65 -18.63 -13.73
CA SER A 1104 -16.50 -17.53 -14.15
C SER A 1104 -17.74 -17.97 -14.93
N GLN A 1105 -17.87 -19.25 -15.26
CA GLN A 1105 -19.02 -19.68 -16.05
C GLN A 1105 -19.69 -20.95 -15.56
N GLU A 1106 -19.08 -21.74 -14.68
CA GLU A 1106 -19.72 -22.96 -14.21
C GLU A 1106 -20.96 -22.61 -13.40
N CYS A 1107 -21.99 -23.45 -13.52
CA CYS A 1107 -23.25 -23.20 -12.83
C CYS A 1107 -23.13 -23.56 -11.35
N PRO A 1108 -23.63 -22.72 -10.44
CA PRO A 1108 -23.51 -23.04 -9.01
C PRO A 1108 -24.15 -24.36 -8.63
N VAL A 1109 -25.26 -24.74 -9.27
CA VAL A 1109 -26.00 -25.93 -8.91
C VAL A 1109 -25.59 -27.13 -9.75
N CYS A 1110 -25.52 -26.96 -11.07
CA CYS A 1110 -25.25 -28.06 -11.98
C CYS A 1110 -23.77 -28.35 -12.16
N ILE A 1111 -22.90 -27.39 -11.83
CA ILE A 1111 -21.45 -27.58 -11.94
C ILE A 1111 -21.07 -27.78 -13.40
N GLU A 1112 -21.41 -28.94 -13.94
CA GLU A 1112 -20.96 -29.31 -15.29
C GLU A 1112 -21.43 -28.31 -16.35
N GLY A 1113 -22.56 -27.65 -16.14
CA GLY A 1113 -23.06 -26.73 -17.14
C GLY A 1113 -22.25 -25.45 -17.23
N ARG A 1114 -22.50 -24.71 -18.30
CA ARG A 1114 -21.87 -23.41 -18.54
C ARG A 1114 -22.96 -22.37 -18.72
N LEU A 1115 -22.78 -21.20 -18.09
CA LEU A 1115 -23.85 -20.23 -17.92
C LEU A 1115 -23.39 -18.83 -18.34
N GLU A 1116 -22.86 -18.72 -19.56
CA GLU A 1116 -22.43 -17.41 -20.06
C GLU A 1116 -23.61 -16.52 -20.46
N HIS A 1117 -24.82 -17.05 -20.57
CA HIS A 1117 -25.94 -16.26 -21.06
C HIS A 1117 -27.26 -16.75 -20.46
N THR A 1118 -28.25 -15.87 -20.47
CA THR A 1118 -29.65 -16.14 -20.19
C THR A 1118 -29.94 -16.30 -18.70
N THR A 1119 -28.92 -16.33 -17.83
CA THR A 1119 -29.10 -16.47 -16.39
C THR A 1119 -29.84 -17.75 -16.03
N THR A 1120 -29.82 -18.75 -16.89
CA THR A 1120 -30.38 -20.06 -16.58
C THR A 1120 -29.50 -21.12 -17.23
N CYS A 1121 -29.23 -22.20 -16.51
CA CYS A 1121 -28.32 -23.21 -17.01
C CYS A 1121 -28.90 -23.87 -18.26
N PRO A 1122 -28.11 -24.09 -19.30
CA PRO A 1122 -28.63 -24.79 -20.49
C PRO A 1122 -29.07 -26.21 -20.20
N ASN A 1123 -28.58 -26.83 -19.12
CA ASN A 1123 -28.98 -28.18 -18.78
C ASN A 1123 -30.45 -28.27 -18.36
N LYS A 1124 -31.11 -27.13 -18.15
CA LYS A 1124 -32.52 -27.04 -17.83
C LYS A 1124 -32.82 -27.41 -16.39
N CYS A 1125 -31.84 -27.30 -15.50
CA CYS A 1125 -32.12 -27.49 -14.07
C CYS A 1125 -32.87 -26.27 -13.54
N GLY A 1126 -33.16 -26.29 -12.24
CA GLY A 1126 -33.97 -25.24 -11.65
C GLY A 1126 -33.26 -23.94 -11.39
N PHE A 1127 -31.95 -23.88 -11.61
CA PHE A 1127 -31.20 -22.67 -11.26
C PHE A 1127 -31.63 -21.51 -12.15
N ASN A 1128 -31.73 -20.33 -11.54
CA ASN A 1128 -32.06 -19.11 -12.27
C ASN A 1128 -31.65 -17.93 -11.40
N SER A 1129 -30.71 -17.12 -11.86
CA SER A 1129 -30.11 -16.07 -11.05
C SER A 1129 -30.88 -14.75 -11.14
N GLU A 1130 -32.14 -14.78 -11.59
CA GLU A 1130 -32.88 -13.54 -11.73
C GLU A 1130 -33.14 -12.89 -10.39
N ARG A 1131 -33.50 -13.67 -9.38
CA ARG A 1131 -33.94 -13.16 -8.09
C ARG A 1131 -32.92 -13.35 -6.98
N ILE A 1132 -31.65 -13.56 -7.33
CA ILE A 1132 -30.61 -13.86 -6.35
C ILE A 1132 -29.44 -12.89 -6.45
N MET A 1133 -28.87 -12.75 -7.65
CA MET A 1133 -27.66 -11.97 -7.86
C MET A 1133 -27.98 -10.75 -8.72
N HIS A 1134 -27.26 -9.66 -8.45
CA HIS A 1134 -27.52 -8.40 -9.14
C HIS A 1134 -27.39 -8.54 -10.65
N SER A 1135 -26.61 -9.51 -11.12
CA SER A 1135 -26.45 -9.75 -12.54
C SER A 1135 -25.80 -11.11 -12.72
N ASN A 1136 -25.65 -11.52 -13.98
CA ASN A 1136 -24.99 -12.78 -14.27
C ASN A 1136 -23.49 -12.71 -14.03
N ASP A 1137 -22.95 -11.51 -13.77
CA ASP A 1137 -21.52 -11.36 -13.57
C ASP A 1137 -21.06 -11.74 -12.16
N GLY A 1138 -21.99 -11.86 -11.22
CA GLY A 1138 -21.63 -12.22 -9.86
C GLY A 1138 -21.33 -13.68 -9.65
N ILE A 1139 -21.70 -14.53 -10.61
CA ILE A 1139 -21.57 -15.98 -10.41
C ILE A 1139 -20.12 -16.37 -10.16
N ALA A 1140 -19.15 -15.57 -10.59
CA ALA A 1140 -17.76 -15.86 -10.26
C ALA A 1140 -17.53 -15.75 -8.77
N SER A 1141 -17.92 -14.62 -8.17
CA SER A 1141 -17.62 -14.41 -6.76
C SER A 1141 -18.20 -15.52 -5.91
N PHE A 1142 -19.48 -15.83 -6.11
CA PHE A 1142 -20.07 -17.00 -5.46
C PHE A 1142 -19.14 -18.19 -5.54
N ASN A 1143 -18.79 -18.61 -6.77
CA ASN A 1143 -17.88 -19.75 -6.93
C ASN A 1143 -16.57 -19.52 -6.21
N ILE A 1144 -16.01 -18.32 -6.32
CA ILE A 1144 -14.74 -18.02 -5.65
C ILE A 1144 -14.87 -18.26 -4.16
N ALA A 1145 -16.02 -17.91 -3.58
CA ALA A 1145 -16.25 -18.23 -2.17
C ALA A 1145 -16.41 -19.73 -1.98
N LYS A 1146 -17.22 -20.36 -2.83
CA LYS A 1146 -17.51 -21.79 -2.66
C LYS A 1146 -16.22 -22.60 -2.59
N ARG A 1147 -15.41 -22.57 -3.66
CA ARG A 1147 -14.18 -23.32 -3.66
C ARG A 1147 -13.27 -22.90 -2.51
N GLY A 1148 -13.39 -21.66 -2.04
CA GLY A 1148 -12.58 -21.24 -0.91
C GLY A 1148 -12.95 -21.96 0.37
N PHE A 1149 -14.24 -22.20 0.56
CA PHE A 1149 -14.69 -22.88 1.77
C PHE A 1149 -14.31 -24.35 1.75
N ASN A 1150 -14.77 -25.08 0.74
CA ASN A 1150 -14.59 -26.53 0.72
C ASN A 1150 -13.11 -26.92 0.85
N ASN A 1151 -12.22 -26.19 0.18
CA ASN A 1151 -10.80 -26.51 0.29
C ASN A 1151 -10.30 -26.31 1.70
N PHE A 1152 -10.68 -25.20 2.35
CA PHE A 1152 -10.16 -24.90 3.67
C PHE A 1152 -10.43 -26.03 4.64
N VAL A 1153 -11.69 -26.45 4.73
CA VAL A 1153 -12.03 -27.56 5.62
C VAL A 1153 -11.26 -28.81 5.21
N LYS A 1154 -11.08 -29.02 3.90
CA LYS A 1154 -10.35 -30.18 3.43
C LYS A 1154 -8.93 -30.20 3.97
N SER A 1155 -8.35 -29.01 4.20
CA SER A 1155 -7.00 -28.95 4.72
C SER A 1155 -6.93 -29.37 6.18
N LYS A 1156 -8.04 -29.24 6.91
CA LYS A 1156 -8.06 -29.57 8.32
C LYS A 1156 -8.41 -31.03 8.58
N THR A 1157 -8.83 -31.77 7.55
CA THR A 1157 -9.19 -33.17 7.75
C THR A 1157 -7.99 -34.00 8.22
N ASP A 1158 -6.77 -33.56 7.93
CA ASP A 1158 -5.58 -34.28 8.36
C ASP A 1158 -4.46 -33.31 8.73
MG MG E . -12.19 -13.48 -11.35
MG MG F . -15.26 -9.29 -13.08
#